data_5TSC
#
_entry.id   5TSC
#
_cell.length_a   48.927
_cell.length_b   68.373
_cell.length_c   71.655
_cell.angle_alpha   117.13
_cell.angle_beta   98.77
_cell.angle_gamma   90.28
#
_symmetry.space_group_name_H-M   'P 1'
#
loop_
_entity.id
_entity.type
_entity.pdbx_description
1 polymer 'Uncharacterized protein'
2 water water
#
_entity_poly.entity_id   1
_entity_poly.type   'polypeptide(L)'
_entity_poly.pdbx_seq_one_letter_code
;GMTTSKLEKTGLHVHEKIKHMVKNYGTMITGIPAEILGQNEAEISVGYVKKMGNMKENIAEVVRKSEMTQPTNSAGKASN
EVCDLLLGTEGASEFEKSSYQVLSGDGSNLKGSLPNKNLLVRVEMDRFNAPQKYQKIKREEFNPETAEKNKIYLLEDQLV
YLDIFGKVIDLGQTSDTCHRLFNAITTPFYQNYILYDEYIDPEESAEEAAMFEMGEIVKAKMKNIDCWTATHSFTIFVPE
SDSEDTRTLYPYQAYWTSHTLQQWFSGDKDEKLSRLGIDGYIEKLALLGTTTDSKIRSSIYGELFSPPGKEHVFCTGMNE
KFSPLRVKFKVTEVNPEIALQNLEEVQEFIDTNYPGENAKDQCELYKIKAQEAMTKQLEMRLLIEPTHRKESVTPYKEKN
TQSFFSKNLDTTSRIDKMISSVITMENLKILAKEADTLSGKDREKLVEYFKTLPSEQLAEIKA
;
_entity_poly.pdbx_strand_id   A,B
#
# COMPACT_ATOMS: atom_id res chain seq x y z
N GLU A 8 -1.58 -1.63 -15.52
CA GLU A 8 -1.23 -1.81 -16.93
C GLU A 8 -0.06 -2.73 -17.02
N LYS A 9 -0.05 -3.55 -18.04
CA LYS A 9 0.98 -4.51 -18.27
C LYS A 9 2.12 -3.93 -19.13
N THR A 10 2.95 -3.13 -18.48
CA THR A 10 4.15 -2.54 -19.06
C THR A 10 5.36 -2.98 -18.24
N GLY A 11 6.53 -2.93 -18.84
CA GLY A 11 7.73 -3.38 -18.16
C GLY A 11 8.10 -2.51 -16.99
N LEU A 12 7.93 -1.20 -17.12
CA LEU A 12 8.27 -0.32 -16.00
C LEU A 12 7.39 -0.61 -14.79
N HIS A 13 6.11 -0.91 -15.01
CA HIS A 13 5.26 -1.31 -13.89
C HIS A 13 5.71 -2.62 -13.27
N VAL A 14 6.25 -3.53 -14.08
CA VAL A 14 6.76 -4.79 -13.55
C VAL A 14 7.90 -4.52 -12.57
N HIS A 15 8.83 -3.64 -12.96
CA HIS A 15 9.94 -3.31 -12.06
C HIS A 15 9.44 -2.72 -10.75
N GLU A 16 8.55 -1.72 -10.83
CA GLU A 16 8.03 -1.09 -9.62
C GLU A 16 7.32 -2.09 -8.73
N LYS A 17 6.57 -3.02 -9.33
CA LYS A 17 5.80 -3.98 -8.54
C LYS A 17 6.71 -4.99 -7.86
N ILE A 18 7.68 -5.56 -8.60
CA ILE A 18 8.55 -6.54 -7.98
C ILE A 18 9.42 -5.88 -6.90
N LYS A 19 9.85 -4.65 -7.14
CA LYS A 19 10.65 -3.96 -6.12
C LYS A 19 9.83 -3.68 -4.87
N HIS A 20 8.60 -3.20 -5.05
CA HIS A 20 7.74 -2.87 -3.92
C HIS A 20 7.41 -4.12 -3.10
N MET A 21 7.08 -5.22 -3.77
CA MET A 21 6.68 -6.42 -3.06
C MET A 21 7.86 -7.04 -2.30
N VAL A 22 9.01 -7.13 -2.95
CA VAL A 22 10.18 -7.72 -2.27
C VAL A 22 10.63 -6.83 -1.13
N LYS A 23 10.70 -5.51 -1.38
CA LYS A 23 11.09 -4.59 -0.32
C LYS A 23 10.13 -4.66 0.87
N ASN A 24 8.82 -4.79 0.61
CA ASN A 24 7.83 -4.75 1.68
C ASN A 24 7.62 -6.11 2.34
N TYR A 25 7.72 -7.21 1.59
CA TYR A 25 7.30 -8.50 2.13
C TYR A 25 8.43 -9.49 2.36
N GLY A 26 9.63 -9.23 1.85
CA GLY A 26 10.76 -10.09 2.13
C GLY A 26 10.52 -11.55 1.84
N THR A 27 10.61 -12.40 2.88
CA THR A 27 10.54 -13.85 2.66
C THR A 27 9.16 -14.33 2.27
N MET A 28 8.12 -13.52 2.51
CA MET A 28 6.76 -13.93 2.14
C MET A 28 6.55 -14.02 0.63
N ILE A 29 7.45 -13.42 -0.16
CA ILE A 29 7.41 -13.55 -1.61
C ILE A 29 7.47 -15.02 -2.03
N THR A 30 8.11 -15.87 -1.23
CA THR A 30 8.23 -17.29 -1.55
C THR A 30 6.90 -18.02 -1.45
N GLY A 31 5.91 -17.46 -0.75
CA GLY A 31 4.62 -18.13 -0.67
C GLY A 31 4.58 -19.31 0.26
N ILE A 32 5.52 -19.43 1.18
CA ILE A 32 5.50 -20.49 2.18
C ILE A 32 4.58 -20.06 3.31
N PRO A 33 3.55 -20.85 3.64
CA PRO A 33 2.70 -20.50 4.77
C PRO A 33 3.52 -20.40 6.05
N ALA A 34 3.14 -19.47 6.92
CA ALA A 34 3.93 -19.22 8.13
C ALA A 34 4.03 -20.47 9.00
N GLU A 35 2.95 -21.25 9.07
CA GLU A 35 2.96 -22.44 9.92
C GLU A 35 3.98 -23.46 9.42
N ILE A 36 4.13 -23.58 8.11
CA ILE A 36 5.11 -24.49 7.53
C ILE A 36 6.53 -23.98 7.77
N LEU A 37 6.73 -22.67 7.62
CA LEU A 37 8.04 -22.07 7.86
C LEU A 37 8.50 -22.32 9.29
N GLY A 38 7.59 -22.19 10.24
CA GLY A 38 7.94 -22.42 11.64
C GLY A 38 8.17 -23.89 11.95
N GLN A 39 7.36 -24.78 11.37
CA GLN A 39 7.54 -26.21 11.62
C GLN A 39 8.85 -26.70 11.03
N ASN A 40 9.22 -26.21 9.84
CA ASN A 40 10.50 -26.58 9.26
C ASN A 40 11.65 -26.08 10.12
N GLU A 41 11.57 -24.84 10.59
CA GLU A 41 12.66 -24.28 11.40
C GLU A 41 12.80 -25.05 12.71
N ALA A 42 11.68 -25.45 13.32
CA ALA A 42 11.74 -26.23 14.54
C ALA A 42 12.50 -27.54 14.33
N GLU A 43 12.25 -28.22 13.21
CA GLU A 43 12.90 -29.51 12.96
C GLU A 43 14.41 -29.38 12.87
N ILE A 44 14.92 -28.27 12.32
CA ILE A 44 16.36 -28.09 12.15
C ILE A 44 16.97 -27.20 13.24
N SER A 45 16.23 -26.94 14.31
CA SER A 45 16.75 -26.17 15.43
C SER A 45 16.60 -26.88 16.77
N VAL A 46 15.95 -28.05 16.78
CA VAL A 46 15.60 -28.70 18.04
C VAL A 46 16.85 -29.12 18.80
N GLY A 47 17.96 -29.40 18.10
CA GLY A 47 19.18 -29.82 18.77
C GLY A 47 19.83 -28.74 19.61
N TYR A 48 19.46 -27.48 19.40
CA TYR A 48 19.99 -26.32 20.11
C TYR A 48 19.20 -25.98 21.37
N VAL A 49 18.00 -26.54 21.55
CA VAL A 49 17.25 -26.31 22.78
C VAL A 49 18.01 -26.90 23.97
N LYS A 50 18.22 -26.09 25.00
CA LYS A 50 18.91 -26.58 26.19
C LYS A 50 18.12 -27.72 26.82
N LYS A 51 18.84 -28.74 27.29
CA LYS A 51 18.21 -29.96 27.77
C LYS A 51 17.87 -29.95 29.25
N MET A 52 18.46 -29.03 30.03
CA MET A 52 18.22 -28.95 31.46
C MET A 52 17.39 -27.72 31.79
N GLY A 53 16.64 -27.80 32.89
CA GLY A 53 15.92 -26.64 33.39
C GLY A 53 14.47 -26.54 32.96
N ASN A 54 13.97 -25.31 32.82
CA ASN A 54 12.59 -25.06 32.41
C ASN A 54 12.52 -25.20 30.88
N MET A 55 11.89 -26.27 30.41
CA MET A 55 11.88 -26.54 28.98
C MET A 55 11.07 -25.51 28.21
N LYS A 56 9.95 -25.07 28.78
CA LYS A 56 9.13 -24.03 28.13
C LYS A 56 9.96 -22.80 27.83
N GLU A 57 10.73 -22.32 28.82
CA GLU A 57 11.58 -21.16 28.59
C GLU A 57 12.78 -21.49 27.72
N ASN A 58 13.30 -22.72 27.80
CA ASN A 58 14.37 -23.12 26.89
C ASN A 58 13.91 -23.05 25.44
N ILE A 59 12.66 -23.44 25.18
CA ILE A 59 12.12 -23.40 23.82
C ILE A 59 11.88 -21.96 23.38
N ALA A 60 11.36 -21.12 24.28
CA ALA A 60 11.10 -19.73 23.94
C ALA A 60 12.41 -19.03 23.55
N GLU A 61 13.49 -19.30 24.29
CA GLU A 61 14.80 -18.72 23.95
C GLU A 61 15.17 -19.01 22.50
N VAL A 62 15.01 -20.27 22.07
CA VAL A 62 15.42 -20.63 20.71
C VAL A 62 14.54 -19.95 19.68
N VAL A 63 13.23 -19.85 19.95
CA VAL A 63 12.33 -19.22 19.01
C VAL A 63 12.63 -17.73 18.90
N ARG A 64 12.89 -17.09 20.05
CA ARG A 64 13.27 -15.67 20.04
C ARG A 64 14.54 -15.43 19.22
N LYS A 65 15.49 -16.35 19.30
CA LYS A 65 16.76 -16.16 18.60
C LYS A 65 16.73 -16.62 17.15
N SER A 66 15.61 -17.18 16.68
CA SER A 66 15.57 -17.74 15.34
C SER A 66 15.58 -16.63 14.28
N GLU A 67 16.22 -16.92 13.16
CA GLU A 67 16.27 -16.01 12.02
C GLU A 67 15.29 -16.40 10.92
N MET A 68 14.26 -17.19 11.25
CA MET A 68 13.55 -17.93 10.21
C MET A 68 12.76 -17.04 9.24
N THR A 69 12.41 -15.81 9.61
CA THR A 69 11.71 -14.96 8.66
C THR A 69 12.64 -14.08 7.85
N GLN A 70 13.93 -14.13 8.09
CA GLN A 70 14.87 -13.42 7.24
C GLN A 70 14.90 -14.10 5.87
N PRO A 71 14.84 -13.35 4.78
CA PRO A 71 14.96 -13.97 3.46
C PRO A 71 16.37 -14.51 3.24
N THR A 72 16.48 -15.36 2.22
CA THR A 72 17.78 -15.90 1.85
C THR A 72 18.71 -14.79 1.39
N ASN A 73 20.01 -15.01 1.58
CA ASN A 73 21.02 -14.17 0.93
C ASN A 73 21.76 -14.93 -0.16
N SER A 74 21.28 -16.11 -0.55
CA SER A 74 21.88 -16.81 -1.68
C SER A 74 21.60 -16.04 -2.97
N ALA A 75 22.67 -15.67 -3.68
CA ALA A 75 22.52 -14.91 -4.92
C ALA A 75 21.82 -15.73 -6.00
N GLY A 76 22.16 -17.01 -6.10
CA GLY A 76 21.53 -17.87 -7.08
C GLY A 76 20.05 -18.07 -6.81
N LYS A 77 19.68 -18.19 -5.53
CA LYS A 77 18.27 -18.35 -5.19
C LYS A 77 17.50 -17.07 -5.45
N ALA A 78 18.08 -15.90 -5.17
CA ALA A 78 17.39 -14.66 -5.51
C ALA A 78 17.20 -14.54 -7.01
N SER A 79 18.21 -14.94 -7.79
CA SER A 79 18.08 -14.88 -9.24
C SER A 79 17.01 -15.84 -9.75
N ASN A 80 16.93 -17.04 -9.16
CA ASN A 80 15.88 -17.97 -9.55
C ASN A 80 14.50 -17.45 -9.19
N GLU A 81 14.37 -16.78 -8.04
CA GLU A 81 13.10 -16.18 -7.67
C GLU A 81 12.71 -15.08 -8.66
N VAL A 82 13.67 -14.25 -9.08
CA VAL A 82 13.39 -13.22 -10.07
C VAL A 82 12.92 -13.85 -11.38
N CYS A 83 13.67 -14.83 -11.89
CA CYS A 83 13.31 -15.46 -13.16
C CYS A 83 11.96 -16.15 -13.07
N ASP A 84 11.70 -16.83 -11.95
CA ASP A 84 10.40 -17.48 -11.77
C ASP A 84 9.25 -16.48 -11.83
N LEU A 85 9.42 -15.33 -11.18
CA LEU A 85 8.34 -14.35 -11.14
C LEU A 85 8.15 -13.66 -12.49
N LEU A 86 9.26 -13.30 -13.15
CA LEU A 86 9.17 -12.54 -14.38
C LEU A 86 8.84 -13.41 -15.58
N LEU A 87 9.32 -14.64 -15.62
CA LEU A 87 9.12 -15.50 -16.78
C LEU A 87 8.06 -16.58 -16.56
N GLY A 88 7.66 -16.84 -15.33
CA GLY A 88 6.88 -18.02 -15.03
C GLY A 88 7.76 -19.26 -14.92
N THR A 89 7.20 -20.30 -14.30
CA THR A 89 7.97 -21.51 -14.01
C THR A 89 8.49 -22.16 -15.27
N GLU A 90 7.65 -22.26 -16.31
CA GLU A 90 8.08 -22.92 -17.55
C GLU A 90 9.05 -22.05 -18.33
N GLY A 91 8.80 -20.74 -18.38
CA GLY A 91 9.72 -19.85 -19.08
C GLY A 91 11.07 -19.74 -18.41
N ALA A 92 11.10 -19.85 -17.08
CA ALA A 92 12.38 -19.81 -16.37
C ALA A 92 13.19 -21.07 -16.66
N SER A 93 12.54 -22.23 -16.73
CA SER A 93 13.26 -23.46 -17.03
C SER A 93 13.84 -23.44 -18.44
N GLU A 94 13.13 -22.82 -19.40
CA GLU A 94 13.71 -22.63 -20.73
C GLU A 94 14.89 -21.67 -20.69
N PHE A 95 14.75 -20.57 -19.95
CA PHE A 95 15.85 -19.62 -19.78
C PHE A 95 17.07 -20.30 -19.17
N GLU A 96 16.85 -21.21 -18.22
CA GLU A 96 17.95 -21.91 -17.56
C GLU A 96 18.68 -22.85 -18.50
N LYS A 97 18.03 -23.29 -19.55
CA LYS A 97 18.68 -24.20 -20.42
C LYS A 97 19.56 -23.51 -21.43
N SER A 98 19.24 -22.27 -21.79
CA SER A 98 20.02 -21.54 -22.77
C SER A 98 21.41 -21.22 -22.23
N SER A 99 22.33 -20.93 -23.15
CA SER A 99 23.75 -20.84 -22.83
C SER A 99 24.14 -19.43 -22.39
N TYR A 100 25.17 -19.35 -21.55
CA TYR A 100 25.78 -18.09 -21.21
C TYR A 100 26.77 -17.69 -22.31
N GLN A 101 27.05 -16.39 -22.39
CA GLN A 101 28.10 -15.88 -23.26
C GLN A 101 29.02 -14.97 -22.46
N VAL A 102 30.32 -15.11 -22.67
CA VAL A 102 31.29 -14.31 -21.95
C VAL A 102 31.24 -12.87 -22.45
N LEU A 103 31.08 -11.93 -21.52
CA LEU A 103 31.14 -10.51 -21.86
C LEU A 103 32.48 -10.16 -22.49
N SER A 104 32.43 -9.51 -23.66
CA SER A 104 33.66 -9.18 -24.38
C SER A 104 34.37 -8.00 -23.70
N GLY A 105 35.54 -7.65 -24.23
CA GLY A 105 36.44 -6.74 -23.53
C GLY A 105 35.81 -5.41 -23.18
N ASP A 106 35.05 -4.83 -24.10
CA ASP A 106 34.42 -3.54 -23.88
C ASP A 106 32.93 -3.66 -23.53
N GLY A 107 32.41 -4.88 -23.38
CA GLY A 107 31.00 -5.08 -23.08
C GLY A 107 30.09 -4.95 -24.29
N SER A 108 30.65 -4.92 -25.49
CA SER A 108 29.87 -4.61 -26.69
C SER A 108 28.83 -5.68 -26.99
N ASN A 109 29.13 -6.95 -26.69
CA ASN A 109 28.18 -8.00 -27.04
C ASN A 109 26.94 -7.96 -26.13
N LEU A 110 27.07 -7.43 -24.90
CA LEU A 110 25.89 -7.19 -24.09
C LEU A 110 25.21 -5.88 -24.47
N LYS A 111 26.01 -4.81 -24.65
CA LYS A 111 25.43 -3.54 -25.11
C LYS A 111 24.66 -3.73 -26.41
N GLY A 112 25.20 -4.52 -27.32
CA GLY A 112 24.56 -4.75 -28.60
C GLY A 112 23.44 -5.75 -28.62
N SER A 113 23.10 -6.35 -27.47
CA SER A 113 22.05 -7.35 -27.38
C SER A 113 20.91 -6.90 -26.47
N LEU A 114 20.66 -5.59 -26.41
CA LEU A 114 19.59 -5.04 -25.57
C LEU A 114 18.65 -4.19 -26.44
N PRO A 115 17.93 -4.81 -27.37
CA PRO A 115 16.96 -4.03 -28.16
C PRO A 115 15.86 -3.50 -27.26
N ASN A 116 15.11 -2.54 -27.78
CA ASN A 116 14.06 -1.86 -27.01
C ASN A 116 12.85 -2.78 -26.86
N LYS A 117 13.03 -3.78 -26.01
CA LYS A 117 11.98 -4.67 -25.56
C LYS A 117 12.17 -4.86 -24.05
N ASN A 118 11.18 -5.45 -23.39
CA ASN A 118 11.32 -5.79 -21.98
C ASN A 118 12.23 -7.00 -21.86
N LEU A 119 13.42 -6.81 -21.30
CA LEU A 119 14.48 -7.82 -21.32
C LEU A 119 14.90 -8.17 -19.90
N LEU A 120 15.11 -9.45 -19.66
CA LEU A 120 15.75 -9.93 -18.44
C LEU A 120 17.12 -10.50 -18.80
N VAL A 121 18.16 -10.01 -18.11
CA VAL A 121 19.52 -10.50 -18.26
C VAL A 121 19.88 -11.28 -17.00
N ARG A 122 20.43 -12.47 -17.17
CA ARG A 122 20.99 -13.20 -16.05
C ARG A 122 22.50 -13.23 -16.20
N VAL A 123 23.21 -12.87 -15.14
CA VAL A 123 24.66 -12.77 -15.14
C VAL A 123 25.23 -13.79 -14.17
N GLU A 124 26.30 -14.45 -14.59
CA GLU A 124 27.08 -15.32 -13.72
C GLU A 124 28.52 -14.82 -13.74
N MET A 125 29.08 -14.57 -12.56
CA MET A 125 30.49 -14.20 -12.42
C MET A 125 31.33 -15.44 -12.13
N ASP A 126 32.49 -15.53 -12.76
CA ASP A 126 33.44 -16.61 -12.53
C ASP A 126 34.76 -16.04 -12.03
N ARG A 127 35.43 -16.85 -11.22
CA ARG A 127 36.78 -16.55 -10.75
C ARG A 127 37.75 -17.55 -11.37
N PHE A 128 38.91 -17.06 -11.78
CA PHE A 128 39.96 -17.92 -12.36
C PHE A 128 40.82 -18.49 -11.24
N ASN A 129 40.97 -19.81 -11.23
CA ASN A 129 41.75 -20.50 -10.22
C ASN A 129 43.00 -21.08 -10.87
N ALA A 130 44.18 -20.72 -10.34
CA ALA A 130 45.44 -21.28 -10.75
C ALA A 130 46.34 -21.28 -9.53
N PRO A 131 47.15 -22.32 -9.33
CA PRO A 131 47.98 -22.39 -8.13
C PRO A 131 49.12 -21.39 -8.19
N GLN A 132 49.41 -20.80 -7.05
CA GLN A 132 50.56 -19.93 -6.89
C GLN A 132 51.57 -20.46 -5.90
N LYS A 133 51.24 -21.51 -5.15
CA LYS A 133 52.07 -22.01 -4.07
C LYS A 133 52.29 -23.50 -4.27
N TYR A 134 53.40 -23.99 -3.72
CA TYR A 134 53.67 -25.42 -3.68
C TYR A 134 54.13 -25.78 -2.28
N GLN A 135 54.07 -27.08 -1.98
CA GLN A 135 54.62 -27.58 -0.75
C GLN A 135 55.15 -29.00 -0.99
N LYS A 136 56.33 -29.29 -0.45
CA LYS A 136 56.77 -30.67 -0.30
C LYS A 136 56.02 -31.32 0.86
N ILE A 137 55.63 -32.58 0.68
CA ILE A 137 54.88 -33.27 1.73
C ILE A 137 55.13 -34.76 1.62
N LYS A 138 55.08 -35.44 2.77
CA LYS A 138 55.10 -36.89 2.80
C LYS A 138 53.69 -37.42 2.54
N ARG A 139 53.62 -38.59 1.90
CA ARG A 139 52.33 -39.17 1.55
C ARG A 139 51.46 -39.41 2.78
N GLU A 140 52.06 -39.92 3.86
CA GLU A 140 51.30 -40.23 5.06
C GLU A 140 50.71 -38.96 5.69
N GLU A 141 51.32 -37.80 5.43
CA GLU A 141 50.85 -36.53 5.97
C GLU A 141 49.92 -35.78 5.04
N PHE A 142 49.74 -36.25 3.80
CA PHE A 142 48.95 -35.54 2.81
C PHE A 142 47.51 -36.01 2.89
N ASN A 143 46.64 -35.17 3.46
CA ASN A 143 45.22 -35.47 3.58
C ASN A 143 44.45 -34.57 2.62
N PRO A 144 43.96 -35.08 1.50
CA PRO A 144 43.34 -34.20 0.49
C PRO A 144 42.07 -33.50 0.97
N GLU A 145 41.36 -34.08 1.93
CA GLU A 145 40.12 -33.45 2.40
C GLU A 145 40.37 -32.30 3.36
N THR A 146 41.59 -32.14 3.86
CA THR A 146 41.89 -31.04 4.78
C THR A 146 43.00 -30.11 4.30
N ALA A 147 43.77 -30.49 3.28
CA ALA A 147 44.90 -29.69 2.86
C ALA A 147 44.44 -28.44 2.10
N GLU A 148 45.33 -27.45 2.01
CA GLU A 148 45.01 -26.23 1.30
C GLU A 148 44.74 -26.52 -0.17
N LYS A 149 43.58 -26.06 -0.65
CA LYS A 149 43.18 -26.28 -2.03
C LYS A 149 43.87 -25.28 -2.96
N ASN A 150 43.80 -25.57 -4.26
CA ASN A 150 44.46 -24.78 -5.31
C ASN A 150 45.94 -24.60 -4.99
N LYS A 151 46.62 -25.73 -4.78
CA LYS A 151 48.01 -25.72 -4.38
C LYS A 151 48.69 -26.97 -4.97
N ILE A 152 49.97 -26.84 -5.27
CA ILE A 152 50.78 -27.94 -5.79
C ILE A 152 51.44 -28.66 -4.62
N TYR A 153 51.44 -29.99 -4.67
CA TYR A 153 52.09 -30.79 -3.63
C TYR A 153 53.13 -31.69 -4.29
N LEU A 154 54.37 -31.55 -3.87
CA LEU A 154 55.48 -32.35 -4.38
C LEU A 154 55.75 -33.45 -3.37
N LEU A 155 55.50 -34.69 -3.78
CA LEU A 155 55.82 -35.85 -2.95
C LEU A 155 57.04 -36.54 -3.56
N GLU A 156 57.62 -37.46 -2.79
CA GLU A 156 58.89 -38.05 -3.23
C GLU A 156 58.74 -38.83 -4.51
N ASP A 157 57.53 -39.26 -4.86
CA ASP A 157 57.29 -40.06 -6.05
C ASP A 157 56.15 -39.55 -6.91
N GLN A 158 55.59 -38.37 -6.61
CA GLN A 158 54.47 -37.86 -7.39
C GLN A 158 54.39 -36.35 -7.25
N LEU A 159 53.92 -35.72 -8.32
CA LEU A 159 53.62 -34.29 -8.33
C LEU A 159 52.14 -34.15 -8.60
N VAL A 160 51.42 -33.51 -7.68
CA VAL A 160 49.96 -33.43 -7.78
C VAL A 160 49.51 -31.98 -7.69
N TYR A 161 48.34 -31.72 -8.26
CA TYR A 161 47.62 -30.46 -8.06
C TYR A 161 46.34 -30.77 -7.29
N LEU A 162 46.22 -30.21 -6.10
CA LEU A 162 44.97 -30.28 -5.33
C LEU A 162 44.10 -29.12 -5.78
N ASP A 163 43.06 -29.41 -6.57
CA ASP A 163 42.30 -28.37 -7.24
C ASP A 163 41.34 -27.69 -6.27
N ILE A 164 40.58 -26.71 -6.79
CA ILE A 164 39.69 -25.92 -5.96
C ILE A 164 38.54 -26.75 -5.40
N PHE A 165 38.19 -27.87 -6.04
CA PHE A 165 37.11 -28.71 -5.56
C PHE A 165 37.59 -29.85 -4.66
N GLY A 166 38.89 -30.01 -4.49
CA GLY A 166 39.43 -31.06 -3.65
C GLY A 166 39.85 -32.32 -4.37
N LYS A 167 39.96 -32.28 -5.70
CA LYS A 167 40.44 -33.42 -6.46
C LYS A 167 41.97 -33.41 -6.51
N VAL A 168 42.57 -34.58 -6.33
CA VAL A 168 44.01 -34.74 -6.47
C VAL A 168 44.31 -35.07 -7.94
N ILE A 169 44.90 -34.12 -8.64
CA ILE A 169 45.16 -34.25 -10.07
C ILE A 169 46.64 -34.56 -10.26
N ASP A 170 46.94 -35.77 -10.72
CA ASP A 170 48.31 -36.14 -11.03
C ASP A 170 48.79 -35.34 -12.24
N LEU A 171 50.04 -34.86 -12.17
CA LEU A 171 50.58 -34.00 -13.21
C LEU A 171 51.53 -34.73 -14.15
N GLY A 172 51.42 -36.06 -14.21
CA GLY A 172 52.10 -36.83 -15.23
C GLY A 172 53.61 -36.86 -15.15
N GLN A 173 54.17 -36.82 -13.95
CA GLN A 173 55.60 -36.90 -13.75
C GLN A 173 56.00 -38.28 -13.24
N THR A 174 57.14 -38.78 -13.71
CA THR A 174 57.62 -40.08 -13.29
C THR A 174 58.09 -40.03 -11.83
N SER A 175 58.12 -41.21 -11.21
CA SER A 175 58.60 -41.31 -9.84
C SER A 175 60.02 -40.79 -9.69
N ASP A 176 60.85 -40.98 -10.72
CA ASP A 176 62.24 -40.55 -10.63
C ASP A 176 62.37 -39.04 -10.75
N THR A 177 61.59 -38.43 -11.66
CA THR A 177 61.64 -36.98 -11.81
C THR A 177 61.21 -36.27 -10.54
N CYS A 178 60.14 -36.74 -9.91
CA CYS A 178 59.73 -36.14 -8.64
C CYS A 178 60.77 -36.37 -7.56
N HIS A 179 61.37 -37.57 -7.53
CA HIS A 179 62.39 -37.88 -6.55
C HIS A 179 63.55 -36.89 -6.65
N ARG A 180 63.94 -36.53 -7.87
CA ARG A 180 65.02 -35.56 -8.04
C ARG A 180 64.59 -34.18 -7.56
N LEU A 181 63.38 -33.75 -7.91
CA LEU A 181 62.91 -32.45 -7.44
C LEU A 181 62.73 -32.43 -5.93
N PHE A 182 62.13 -33.50 -5.39
CA PHE A 182 61.88 -33.57 -3.95
C PHE A 182 63.17 -33.42 -3.16
N ASN A 183 64.22 -34.13 -3.56
CA ASN A 183 65.45 -34.13 -2.79
C ASN A 183 66.39 -32.98 -3.14
N ALA A 184 66.11 -32.25 -4.22
CA ALA A 184 66.91 -31.06 -4.53
C ALA A 184 66.48 -29.84 -3.70
N ILE A 185 65.20 -29.77 -3.30
CA ILE A 185 64.69 -28.62 -2.57
C ILE A 185 64.94 -28.87 -1.09
N THR A 186 66.04 -28.33 -0.57
CA THR A 186 66.54 -28.67 0.75
C THR A 186 66.42 -27.53 1.77
N THR A 187 66.40 -26.29 1.33
CA THR A 187 66.36 -25.17 2.26
C THR A 187 65.05 -25.16 3.03
N PRO A 188 65.08 -24.98 4.35
CA PRO A 188 63.83 -25.01 5.13
C PRO A 188 62.78 -24.02 4.64
N PHE A 189 63.18 -22.81 4.25
CA PHE A 189 62.21 -21.82 3.79
C PHE A 189 61.54 -22.21 2.48
N TYR A 190 62.16 -23.06 1.67
CA TYR A 190 61.63 -23.42 0.35
C TYR A 190 60.82 -24.71 0.36
N GLN A 191 60.57 -25.31 1.52
CA GLN A 191 59.73 -26.50 1.58
C GLN A 191 58.26 -26.18 1.29
N ASN A 192 57.85 -24.94 1.53
CA ASN A 192 56.46 -24.51 1.39
C ASN A 192 56.50 -23.06 0.94
N TYR A 193 56.41 -22.83 -0.36
CA TYR A 193 56.79 -21.54 -0.92
C TYR A 193 55.95 -21.25 -2.17
N ILE A 194 56.34 -20.23 -2.94
CA ILE A 194 55.57 -19.81 -4.11
C ILE A 194 56.18 -20.40 -5.37
N LEU A 195 55.33 -20.60 -6.39
CA LEU A 195 55.73 -21.33 -7.59
C LEU A 195 56.67 -20.51 -8.47
N TYR A 196 56.32 -19.25 -8.76
CA TYR A 196 57.04 -18.53 -9.79
C TYR A 196 57.81 -17.34 -9.23
N ASP A 197 58.74 -17.61 -8.33
CA ASP A 197 59.59 -16.56 -7.78
C ASP A 197 60.41 -15.92 -8.89
N GLU A 198 60.37 -14.59 -8.96
CA GLU A 198 61.10 -13.88 -10.00
C GLU A 198 62.60 -13.81 -9.73
N TYR A 199 63.05 -14.17 -8.53
CA TYR A 199 64.47 -14.08 -8.19
C TYR A 199 65.21 -15.40 -8.30
N ILE A 200 64.49 -16.50 -8.46
CA ILE A 200 65.21 -17.74 -8.56
C ILE A 200 66.06 -17.80 -9.81
N ASP A 201 67.30 -18.21 -9.63
CA ASP A 201 68.20 -18.33 -10.77
C ASP A 201 68.58 -19.80 -10.91
N PRO A 202 68.08 -20.51 -11.92
CA PRO A 202 68.41 -21.93 -12.06
C PRO A 202 69.90 -22.19 -12.26
N GLU A 203 70.68 -21.17 -12.60
CA GLU A 203 72.14 -21.30 -12.70
C GLU A 203 72.84 -21.19 -11.35
N GLU A 204 72.14 -20.74 -10.31
CA GLU A 204 72.79 -20.48 -9.03
C GLU A 204 72.93 -21.72 -8.17
N SER A 205 71.99 -22.66 -8.25
CA SER A 205 72.02 -23.85 -7.40
C SER A 205 71.05 -24.89 -7.93
N ALA A 206 71.32 -26.16 -7.60
CA ALA A 206 70.40 -27.23 -7.98
C ALA A 206 69.03 -27.05 -7.36
N GLU A 207 68.97 -26.40 -6.19
CA GLU A 207 67.67 -26.15 -5.57
C GLU A 207 66.84 -25.16 -6.38
N GLU A 208 67.46 -24.07 -6.83
CA GLU A 208 66.74 -23.12 -7.68
C GLU A 208 66.43 -23.72 -9.04
N ALA A 209 67.34 -24.52 -9.58
CA ALA A 209 67.06 -25.24 -10.82
C ALA A 209 65.83 -26.13 -10.67
N ALA A 210 65.71 -26.83 -9.55
CA ALA A 210 64.57 -27.71 -9.33
C ALA A 210 63.28 -26.92 -9.14
N MET A 211 63.35 -25.81 -8.40
CA MET A 211 62.17 -24.97 -8.24
C MET A 211 61.73 -24.39 -9.57
N PHE A 212 62.69 -23.97 -10.40
CA PHE A 212 62.36 -23.45 -11.73
C PHE A 212 61.76 -24.55 -12.60
N GLU A 213 62.33 -25.75 -12.55
CA GLU A 213 61.83 -26.85 -13.38
C GLU A 213 60.41 -27.23 -12.97
N MET A 214 60.16 -27.35 -11.67
CA MET A 214 58.80 -27.63 -11.20
C MET A 214 57.83 -26.53 -11.64
N GLY A 215 58.28 -25.27 -11.62
CA GLY A 215 57.43 -24.20 -12.10
C GLY A 215 57.11 -24.32 -13.58
N GLU A 216 58.09 -24.76 -14.38
CA GLU A 216 57.83 -24.97 -15.80
C GLU A 216 56.87 -26.13 -16.02
N ILE A 217 57.00 -27.19 -15.22
CA ILE A 217 56.10 -28.34 -15.34
C ILE A 217 54.66 -27.94 -15.04
N VAL A 218 54.46 -27.23 -13.93
CA VAL A 218 53.12 -26.78 -13.57
C VAL A 218 52.56 -25.84 -14.62
N LYS A 219 53.39 -24.91 -15.11
CA LYS A 219 52.92 -23.94 -16.09
C LYS A 219 52.45 -24.62 -17.37
N ALA A 220 53.20 -25.61 -17.86
CA ALA A 220 52.80 -26.29 -19.09
C ALA A 220 51.54 -27.12 -18.88
N LYS A 221 51.36 -27.69 -17.68
CA LYS A 221 50.17 -28.49 -17.41
C LYS A 221 48.93 -27.64 -17.21
N MET A 222 49.06 -26.40 -16.82
CA MET A 222 47.90 -25.58 -16.64
C MET A 222 47.65 -24.74 -17.86
N LYS A 223 48.54 -24.80 -18.82
CA LYS A 223 48.48 -23.92 -19.98
C LYS A 223 47.10 -23.98 -20.65
N ASN A 224 46.71 -25.14 -21.13
CA ASN A 224 45.40 -25.33 -21.76
C ASN A 224 44.40 -25.94 -20.79
N ILE A 225 44.34 -25.39 -19.58
CA ILE A 225 43.37 -25.78 -18.58
C ILE A 225 42.51 -24.57 -18.25
N ASP A 226 41.20 -24.76 -18.29
CA ASP A 226 40.23 -23.70 -18.05
C ASP A 226 39.53 -24.00 -16.73
N CYS A 227 40.01 -23.40 -15.64
CA CYS A 227 39.39 -23.60 -14.32
C CYS A 227 38.79 -22.29 -13.85
N TRP A 228 37.65 -21.94 -14.43
CA TRP A 228 36.80 -20.88 -13.90
C TRP A 228 35.73 -21.51 -13.03
N THR A 229 35.44 -20.88 -11.90
CA THR A 229 34.39 -21.32 -10.99
C THR A 229 33.47 -20.14 -10.65
N ALA A 230 32.17 -20.42 -10.58
CA ALA A 230 31.18 -19.37 -10.37
C ALA A 230 31.33 -18.76 -9.00
N THR A 231 31.17 -17.44 -8.91
CA THR A 231 31.42 -16.72 -7.67
C THR A 231 30.32 -15.73 -7.29
N HIS A 232 29.46 -15.33 -8.21
CA HIS A 232 28.36 -14.43 -7.88
C HIS A 232 27.34 -14.58 -8.99
N SER A 233 26.08 -14.32 -8.64
CA SER A 233 24.97 -14.39 -9.58
C SER A 233 24.06 -13.19 -9.35
N PHE A 234 23.57 -12.61 -10.44
CA PHE A 234 22.55 -11.57 -10.31
C PHE A 234 21.77 -11.47 -11.60
N THR A 235 20.72 -10.64 -11.58
CA THR A 235 19.90 -10.40 -12.77
C THR A 235 19.79 -8.90 -13.00
N ILE A 236 19.43 -8.54 -14.23
CA ILE A 236 19.25 -7.14 -14.63
C ILE A 236 17.95 -7.06 -15.41
N PHE A 237 17.03 -6.22 -14.98
CA PHE A 237 15.79 -5.99 -15.71
C PHE A 237 15.94 -4.70 -16.51
N VAL A 238 15.64 -4.78 -17.81
CA VAL A 238 15.77 -3.64 -18.72
C VAL A 238 14.44 -3.39 -19.40
N PRO A 239 13.54 -2.61 -18.78
CA PRO A 239 12.22 -2.41 -19.37
C PRO A 239 12.30 -1.68 -20.70
N GLU A 240 11.31 -1.95 -21.54
CA GLU A 240 11.13 -1.18 -22.76
C GLU A 240 10.86 0.28 -22.41
N SER A 241 11.39 1.20 -23.21
CA SER A 241 11.18 2.62 -22.99
C SER A 241 10.75 3.28 -24.29
N ASP A 242 10.19 4.48 -24.16
CA ASP A 242 9.70 5.20 -25.34
C ASP A 242 10.84 5.89 -26.08
N SER A 243 11.78 6.43 -25.35
CA SER A 243 12.87 7.10 -26.02
C SER A 243 14.16 6.34 -25.88
N GLU A 244 15.16 6.72 -26.63
CA GLU A 244 16.43 5.98 -26.59
C GLU A 244 17.23 6.33 -25.34
N ASP A 245 17.21 7.59 -24.93
CA ASP A 245 18.03 8.04 -23.81
C ASP A 245 17.29 8.00 -22.47
N THR A 246 16.06 7.52 -22.45
CA THR A 246 15.37 7.20 -21.20
C THR A 246 15.46 5.72 -20.85
N ARG A 247 16.07 4.91 -21.71
CA ARG A 247 16.25 3.49 -21.41
C ARG A 247 17.18 3.35 -20.23
N THR A 248 16.78 2.52 -19.27
CA THR A 248 17.49 2.36 -18.01
C THR A 248 17.47 0.88 -17.64
N LEU A 249 18.48 0.44 -16.91
CA LEU A 249 18.54 -0.94 -16.45
C LEU A 249 18.53 -0.95 -14.93
N TYR A 250 18.09 -2.08 -14.37
CA TYR A 250 17.92 -2.22 -12.93
C TYR A 250 18.49 -3.57 -12.51
N PRO A 251 19.68 -3.58 -11.90
CA PRO A 251 20.24 -4.85 -11.41
C PRO A 251 19.59 -5.26 -10.10
N TYR A 252 19.34 -6.58 -9.97
CA TYR A 252 18.72 -7.19 -8.82
C TYR A 252 19.67 -8.24 -8.25
N GLN A 253 19.92 -8.18 -6.93
CA GLN A 253 20.80 -9.21 -6.38
C GLN A 253 20.56 -9.41 -4.89
N ALA A 254 20.86 -10.63 -4.44
CA ALA A 254 21.35 -10.90 -3.10
C ALA A 254 22.83 -11.23 -3.20
N TYR A 255 23.53 -11.24 -2.07
CA TYR A 255 24.93 -11.64 -2.06
C TYR A 255 25.15 -12.60 -0.90
N TRP A 256 25.67 -13.79 -1.22
CA TRP A 256 25.83 -14.88 -0.27
C TRP A 256 26.56 -14.45 0.99
N THR A 257 25.94 -14.73 2.14
CA THR A 257 26.36 -14.38 3.50
C THR A 257 26.48 -12.87 3.73
N SER A 258 25.96 -12.02 2.84
CA SER A 258 26.15 -10.58 2.95
CA SER A 258 26.16 -10.57 2.96
C SER A 258 24.85 -9.80 3.05
N HIS A 259 23.94 -9.97 2.08
CA HIS A 259 22.69 -9.21 2.12
C HIS A 259 21.62 -9.92 1.29
N THR A 260 20.38 -9.53 1.52
CA THR A 260 19.23 -10.08 0.83
C THR A 260 18.79 -9.15 -0.31
N LEU A 261 17.95 -9.70 -1.20
CA LEU A 261 17.36 -8.87 -2.23
C LEU A 261 16.49 -7.77 -1.63
N GLN A 262 15.80 -8.07 -0.51
CA GLN A 262 15.02 -7.05 0.16
C GLN A 262 15.89 -5.88 0.60
N GLN A 263 17.10 -6.16 1.13
CA GLN A 263 17.98 -5.09 1.59
C GLN A 263 18.55 -4.30 0.42
N TRP A 264 18.82 -4.98 -0.69
CA TRP A 264 19.21 -4.32 -1.93
C TRP A 264 18.21 -3.25 -2.33
N PHE A 265 16.93 -3.62 -2.36
CA PHE A 265 15.89 -2.67 -2.72
C PHE A 265 15.68 -1.63 -1.63
N SER A 266 15.71 -2.03 -0.36
CA SER A 266 15.53 -1.06 0.73
C SER A 266 16.62 0.00 0.71
N GLY A 267 17.85 -0.38 0.42
CA GLY A 267 18.93 0.56 0.23
C GLY A 267 18.93 1.26 -1.11
N ASP A 268 17.94 0.99 -1.95
CA ASP A 268 17.81 1.60 -3.28
C ASP A 268 19.04 1.43 -4.18
N LYS A 269 19.76 0.37 -4.05
CA LYS A 269 20.95 0.23 -4.87
C LYS A 269 20.62 -0.10 -6.33
N ASP A 270 19.46 -0.69 -6.61
CA ASP A 270 19.04 -0.86 -8.00
C ASP A 270 18.91 0.50 -8.68
N GLU A 271 18.31 1.48 -7.98
CA GLU A 271 18.13 2.79 -8.58
C GLU A 271 19.46 3.53 -8.68
N LYS A 272 20.31 3.41 -7.66
CA LYS A 272 21.62 4.06 -7.69
C LYS A 272 22.42 3.58 -8.91
N LEU A 273 22.48 2.27 -9.13
CA LEU A 273 23.24 1.77 -10.27
C LEU A 273 22.57 2.13 -11.59
N SER A 274 21.24 2.25 -11.60
CA SER A 274 20.54 2.63 -12.84
C SER A 274 20.99 4.01 -13.31
N ARG A 275 21.37 4.90 -12.38
CA ARG A 275 21.83 6.23 -12.75
C ARG A 275 23.18 6.22 -13.45
N LEU A 276 23.90 5.10 -13.43
CA LEU A 276 25.09 5.01 -14.27
C LEU A 276 24.73 5.00 -15.74
N GLY A 277 23.51 4.63 -16.07
CA GLY A 277 23.12 4.43 -17.45
C GLY A 277 23.56 3.08 -17.97
N ILE A 278 22.96 2.69 -19.09
CA ILE A 278 23.23 1.36 -19.64
C ILE A 278 24.70 1.25 -20.05
N ASP A 279 25.20 2.24 -20.79
CA ASP A 279 26.60 2.21 -21.20
C ASP A 279 27.53 2.30 -20.01
N GLY A 280 27.23 3.21 -19.07
CA GLY A 280 28.09 3.38 -17.91
C GLY A 280 28.16 2.13 -17.05
N TYR A 281 27.03 1.46 -16.84
CA TYR A 281 27.04 0.25 -16.01
C TYR A 281 27.82 -0.87 -16.70
N ILE A 282 27.56 -1.08 -18.00
CA ILE A 282 28.19 -2.21 -18.69
C ILE A 282 29.70 -2.00 -18.80
N GLU A 283 30.14 -0.75 -18.94
CA GLU A 283 31.58 -0.49 -19.03
C GLU A 283 32.29 -0.85 -17.73
N LYS A 284 31.66 -0.59 -16.59
CA LYS A 284 32.23 -1.05 -15.32
C LYS A 284 32.27 -2.57 -15.26
N LEU A 285 31.16 -3.20 -15.64
CA LEU A 285 31.11 -4.66 -15.68
C LEU A 285 32.18 -5.23 -16.61
N ALA A 286 32.43 -4.58 -17.75
CA ALA A 286 33.45 -5.07 -18.67
C ALA A 286 34.85 -4.82 -18.10
N LEU A 287 35.06 -3.68 -17.47
CA LEU A 287 36.37 -3.40 -16.89
C LEU A 287 36.71 -4.40 -15.78
N LEU A 288 35.68 -4.88 -15.07
CA LEU A 288 35.89 -5.92 -14.07
C LEU A 288 36.60 -7.14 -14.65
N GLY A 289 36.34 -7.47 -15.91
CA GLY A 289 36.99 -8.60 -16.55
C GLY A 289 38.34 -8.31 -17.17
N THR A 290 38.58 -7.06 -17.59
CA THR A 290 39.81 -6.74 -18.32
C THR A 290 40.91 -6.15 -17.46
N THR A 291 40.59 -5.61 -16.29
CA THR A 291 41.63 -5.07 -15.44
C THR A 291 42.49 -6.20 -14.89
N THR A 292 43.78 -5.90 -14.72
CA THR A 292 44.68 -6.80 -14.00
C THR A 292 45.19 -6.17 -12.71
N ASP A 293 44.58 -5.08 -12.26
CA ASP A 293 44.95 -4.41 -11.02
C ASP A 293 43.95 -4.80 -9.94
N SER A 294 44.45 -5.42 -8.86
CA SER A 294 43.54 -5.94 -7.85
C SER A 294 42.82 -4.82 -7.11
N LYS A 295 43.46 -3.66 -6.93
CA LYS A 295 42.77 -2.53 -6.30
C LYS A 295 41.64 -2.04 -7.17
N ILE A 296 41.89 -1.92 -8.49
CA ILE A 296 40.84 -1.51 -9.42
C ILE A 296 39.72 -2.55 -9.44
N ARG A 297 40.09 -3.83 -9.60
CA ARG A 297 39.10 -4.90 -9.60
C ARG A 297 38.24 -4.85 -8.35
N SER A 298 38.88 -4.72 -7.19
CA SER A 298 38.15 -4.73 -5.93
C SER A 298 37.22 -3.53 -5.79
N SER A 299 37.68 -2.36 -6.24
CA SER A 299 36.85 -1.16 -6.15
C SER A 299 35.59 -1.28 -7.01
N ILE A 300 35.71 -1.83 -8.22
CA ILE A 300 34.55 -1.96 -9.08
C ILE A 300 33.62 -3.04 -8.56
N TYR A 301 34.19 -4.17 -8.11
CA TYR A 301 33.40 -5.22 -7.50
C TYR A 301 32.55 -4.67 -6.36
N GLY A 302 33.14 -3.83 -5.51
CA GLY A 302 32.39 -3.24 -4.41
C GLY A 302 31.31 -2.29 -4.89
N GLU A 303 31.63 -1.44 -5.88
CA GLU A 303 30.65 -0.48 -6.35
C GLU A 303 29.42 -1.17 -6.93
N LEU A 304 29.64 -2.26 -7.66
CA LEU A 304 28.54 -2.94 -8.33
C LEU A 304 27.80 -3.90 -7.42
N PHE A 305 28.49 -4.54 -6.47
CA PHE A 305 27.97 -5.74 -5.83
C PHE A 305 27.89 -5.69 -4.31
N SER A 306 28.43 -4.67 -3.65
CA SER A 306 28.38 -4.62 -2.19
C SER A 306 26.95 -4.40 -1.72
N PRO A 307 26.66 -4.76 -0.46
CA PRO A 307 25.46 -4.24 0.19
C PRO A 307 25.42 -2.73 0.09
N PRO A 308 24.24 -2.13 0.03
CA PRO A 308 24.14 -0.66 -0.04
C PRO A 308 24.93 0.01 1.08
N GLY A 309 25.71 1.02 0.70
CA GLY A 309 26.50 1.77 1.65
C GLY A 309 27.84 1.17 2.01
N LYS A 310 28.15 -0.05 1.56
CA LYS A 310 29.39 -0.72 1.92
C LYS A 310 30.37 -0.80 0.77
N GLU A 311 30.22 0.06 -0.24
CA GLU A 311 30.99 -0.06 -1.48
C GLU A 311 32.50 0.04 -1.24
N HIS A 312 32.92 0.82 -0.26
CA HIS A 312 34.34 1.09 -0.06
C HIS A 312 35.01 0.14 0.92
N VAL A 313 34.27 -0.73 1.60
CA VAL A 313 34.85 -1.70 2.53
C VAL A 313 34.62 -3.13 2.10
N PHE A 314 33.74 -3.35 1.12
CA PHE A 314 33.32 -4.72 0.79
C PHE A 314 34.48 -5.56 0.30
N CYS A 315 35.36 -4.99 -0.52
CA CYS A 315 36.45 -5.75 -1.12
C CYS A 315 37.82 -5.26 -0.69
N THR A 316 38.02 -5.15 0.62
CA THR A 316 39.31 -4.77 1.16
C THR A 316 39.80 -5.88 2.08
N GLY A 317 41.12 -5.91 2.26
CA GLY A 317 41.72 -6.86 3.19
C GLY A 317 41.54 -8.29 2.73
N MET A 318 40.84 -9.07 3.55
CA MET A 318 40.67 -10.49 3.24
C MET A 318 39.79 -10.72 2.00
N ASN A 319 38.98 -9.74 1.61
CA ASN A 319 38.10 -9.90 0.46
CA ASN A 319 38.09 -9.87 0.48
C ASN A 319 38.58 -9.11 -0.75
N GLU A 320 39.85 -8.71 -0.77
CA GLU A 320 40.40 -8.06 -1.95
C GLU A 320 40.37 -9.04 -3.12
N LYS A 321 40.02 -8.55 -4.30
CA LYS A 321 39.82 -9.41 -5.46
C LYS A 321 41.15 -9.58 -6.19
N PHE A 322 41.87 -10.64 -5.83
CA PHE A 322 43.21 -10.89 -6.37
C PHE A 322 43.21 -11.72 -7.64
N SER A 323 42.15 -12.50 -7.88
CA SER A 323 42.13 -13.40 -9.02
C SER A 323 41.38 -12.78 -10.20
N PRO A 324 41.75 -13.12 -11.42
CA PRO A 324 40.97 -12.66 -12.58
C PRO A 324 39.51 -13.09 -12.48
N LEU A 325 38.63 -12.24 -13.01
CA LEU A 325 37.21 -12.49 -13.03
C LEU A 325 36.69 -12.43 -14.46
N ARG A 326 35.58 -13.11 -14.71
CA ARG A 326 34.90 -12.94 -15.99
C ARG A 326 33.40 -12.87 -15.75
N VAL A 327 32.73 -12.15 -16.64
CA VAL A 327 31.28 -11.96 -16.62
C VAL A 327 30.69 -12.80 -17.74
N LYS A 328 29.66 -13.57 -17.40
CA LYS A 328 28.88 -14.32 -18.39
C LYS A 328 27.42 -13.88 -18.28
N PHE A 329 26.72 -13.82 -19.42
CA PHE A 329 25.37 -13.28 -19.41
C PHE A 329 24.51 -14.03 -20.43
N LYS A 330 23.20 -13.95 -20.21
CA LYS A 330 22.18 -14.45 -21.13
C LYS A 330 20.98 -13.52 -21.01
N VAL A 331 20.25 -13.36 -22.11
CA VAL A 331 19.16 -12.38 -22.20
C VAL A 331 17.91 -13.08 -22.71
N THR A 332 16.75 -12.69 -22.18
CA THR A 332 15.49 -13.18 -22.72
C THR A 332 14.44 -12.09 -22.57
N GLU A 333 13.36 -12.21 -23.33
CA GLU A 333 12.29 -11.21 -23.32
C GLU A 333 11.27 -11.53 -22.22
N VAL A 334 10.74 -10.48 -21.59
CA VAL A 334 9.78 -10.61 -20.50
C VAL A 334 8.42 -10.19 -21.02
N ASN A 335 7.40 -11.01 -20.76
CA ASN A 335 6.01 -10.67 -21.04
C ASN A 335 5.43 -9.99 -19.82
N PRO A 336 5.16 -8.68 -19.85
CA PRO A 336 4.65 -8.01 -18.65
C PRO A 336 3.37 -8.63 -18.13
N GLU A 337 2.50 -9.12 -19.02
CA GLU A 337 1.27 -9.76 -18.57
C GLU A 337 1.55 -11.00 -17.72
N ILE A 338 2.53 -11.81 -18.13
CA ILE A 338 2.90 -12.98 -17.34
C ILE A 338 3.51 -12.56 -16.01
N ALA A 339 4.44 -11.60 -16.04
CA ALA A 339 5.11 -11.18 -14.82
C ALA A 339 4.13 -10.59 -13.81
N LEU A 340 3.27 -9.68 -14.25
CA LEU A 340 2.34 -9.05 -13.31
C LEU A 340 1.31 -10.03 -12.78
N GLN A 341 0.97 -11.06 -13.56
CA GLN A 341 0.05 -12.08 -13.06
C GLN A 341 0.69 -12.90 -11.96
N ASN A 342 1.97 -13.27 -12.12
CA ASN A 342 2.68 -14.00 -11.08
C ASN A 342 2.81 -13.16 -9.81
N LEU A 343 3.08 -11.87 -9.96
CA LEU A 343 3.20 -11.00 -8.79
C LEU A 343 1.85 -10.79 -8.13
N GLU A 344 0.77 -10.72 -8.93
CA GLU A 344 -0.55 -10.57 -8.35
C GLU A 344 -0.95 -11.81 -7.54
N GLU A 345 -0.50 -13.00 -7.95
CA GLU A 345 -0.84 -14.20 -7.21
C GLU A 345 -0.08 -14.30 -5.89
N VAL A 346 1.15 -13.81 -5.85
CA VAL A 346 1.86 -13.71 -4.58
C VAL A 346 1.14 -12.73 -3.65
N GLN A 347 0.70 -11.59 -4.19
CA GLN A 347 -0.03 -10.62 -3.39
C GLN A 347 -1.32 -11.21 -2.83
N GLU A 348 -2.01 -12.02 -3.63
CA GLU A 348 -3.27 -12.61 -3.17
C GLU A 348 -3.02 -13.60 -2.05
N PHE A 349 -1.94 -14.38 -2.13
CA PHE A 349 -1.61 -15.31 -1.06
C PHE A 349 -1.35 -14.57 0.24
N ILE A 350 -0.67 -13.42 0.16
CA ILE A 350 -0.37 -12.64 1.34
C ILE A 350 -1.64 -12.01 1.91
N ASP A 351 -2.45 -11.38 1.05
CA ASP A 351 -3.63 -10.68 1.53
C ASP A 351 -4.69 -11.64 2.05
N THR A 352 -4.82 -12.83 1.46
CA THR A 352 -5.82 -13.78 1.93
C THR A 352 -5.43 -14.38 3.27
N ASN A 353 -4.14 -14.66 3.46
CA ASN A 353 -3.70 -15.42 4.63
C ASN A 353 -3.15 -14.56 5.75
N TYR A 354 -2.63 -13.37 5.45
CA TYR A 354 -2.03 -12.50 6.46
C TYR A 354 -2.55 -11.08 6.29
N PRO A 355 -3.85 -10.87 6.52
CA PRO A 355 -4.43 -9.55 6.28
C PRO A 355 -3.94 -8.53 7.29
N GLY A 356 -3.87 -7.28 6.85
CA GLY A 356 -3.45 -6.20 7.73
C GLY A 356 -3.71 -4.87 7.06
N GLU A 357 -3.55 -3.79 7.85
CA GLU A 357 -3.77 -2.46 7.30
C GLU A 357 -2.62 -1.99 6.41
N ASN A 358 -1.43 -2.55 6.57
CA ASN A 358 -0.29 -2.17 5.75
C ASN A 358 0.68 -3.35 5.71
N ALA A 359 1.67 -3.26 4.82
CA ALA A 359 2.60 -4.38 4.64
C ALA A 359 3.35 -4.70 5.92
N LYS A 360 3.74 -3.67 6.70
CA LYS A 360 4.46 -3.91 7.94
C LYS A 360 3.63 -4.74 8.91
N ASP A 361 2.34 -4.44 9.02
CA ASP A 361 1.47 -5.21 9.90
C ASP A 361 1.32 -6.65 9.42
N GLN A 362 1.24 -6.85 8.10
CA GLN A 362 1.13 -8.21 7.57
C GLN A 362 2.39 -9.03 7.82
N CYS A 363 3.57 -8.40 7.71
CA CYS A 363 4.82 -9.10 8.00
C CYS A 363 4.91 -9.48 9.47
N GLU A 364 4.51 -8.57 10.36
CA GLU A 364 4.48 -8.88 11.78
C GLU A 364 3.56 -10.05 12.08
N LEU A 365 2.39 -10.07 11.44
CA LEU A 365 1.45 -11.16 11.64
C LEU A 365 2.04 -12.47 11.14
N TYR A 366 2.67 -12.44 9.96
CA TYR A 366 3.36 -13.61 9.43
C TYR A 366 4.42 -14.10 10.40
N LYS A 367 5.20 -13.19 10.97
CA LYS A 367 6.26 -13.58 11.90
C LYS A 367 5.68 -14.20 13.17
N ILE A 368 4.64 -13.56 13.74
CA ILE A 368 4.01 -14.10 14.94
C ILE A 368 3.49 -15.51 14.69
N LYS A 369 2.83 -15.73 13.55
CA LYS A 369 2.31 -17.06 13.26
C LYS A 369 3.41 -18.08 13.01
N ALA A 370 4.53 -17.67 12.39
CA ALA A 370 5.65 -18.60 12.26
C ALA A 370 6.25 -18.94 13.62
N GLN A 371 6.37 -17.95 14.50
CA GLN A 371 6.92 -18.20 15.83
C GLN A 371 6.03 -19.12 16.64
N GLU A 372 4.70 -18.87 16.63
CA GLU A 372 3.78 -19.76 17.33
C GLU A 372 3.89 -21.18 16.81
N ALA A 373 4.01 -21.34 15.49
CA ALA A 373 4.11 -22.66 14.89
C ALA A 373 5.42 -23.34 15.27
N MET A 374 6.51 -22.58 15.33
CA MET A 374 7.78 -23.14 15.76
C MET A 374 7.73 -23.56 17.22
N THR A 375 7.09 -22.75 18.07
CA THR A 375 6.97 -23.09 19.48
C THR A 375 6.20 -24.39 19.65
N LYS A 376 5.05 -24.51 18.99
CA LYS A 376 4.23 -25.72 19.14
C LYS A 376 4.96 -26.94 18.63
N GLN A 377 5.71 -26.80 17.55
CA GLN A 377 6.42 -27.95 17.00
C GLN A 377 7.58 -28.37 17.90
N LEU A 378 8.29 -27.40 18.49
CA LEU A 378 9.33 -27.73 19.46
C LEU A 378 8.74 -28.34 20.73
N GLU A 379 7.66 -27.75 21.25
CA GLU A 379 6.99 -28.33 22.42
C GLU A 379 6.47 -29.72 22.12
N MET A 380 6.05 -29.96 20.87
CA MET A 380 5.66 -31.30 20.46
C MET A 380 6.78 -32.31 20.72
N ARG A 381 8.02 -31.93 20.45
CA ARG A 381 9.14 -32.84 20.59
C ARG A 381 9.74 -32.87 22.00
N LEU A 382 9.52 -31.83 22.81
CA LEU A 382 10.37 -31.63 23.98
C LEU A 382 9.66 -31.31 25.29
N LEU A 383 8.34 -31.14 25.33
CA LEU A 383 7.78 -30.50 26.51
C LEU A 383 7.62 -31.47 27.69
N ILE A 384 6.85 -32.54 27.52
CA ILE A 384 6.58 -33.42 28.65
C ILE A 384 6.97 -34.86 28.36
N GLU A 385 7.92 -35.07 27.45
CA GLU A 385 8.50 -36.42 27.37
C GLU A 385 9.40 -36.71 28.55
N GLU B 8 -7.12 -6.97 17.15
CA GLU B 8 -6.40 -7.87 16.25
C GLU B 8 -7.38 -8.72 15.43
N LYS B 9 -8.67 -8.46 15.58
CA LYS B 9 -9.63 -8.93 14.60
C LYS B 9 -9.41 -8.18 13.30
N THR B 10 -9.64 -8.86 12.17
CA THR B 10 -9.35 -8.24 10.89
C THR B 10 -10.28 -7.08 10.58
N GLY B 11 -11.50 -7.09 11.14
CA GLY B 11 -12.41 -5.98 10.93
C GLY B 11 -11.89 -4.68 11.49
N LEU B 12 -11.19 -4.74 12.63
CA LEU B 12 -10.59 -3.55 13.19
C LEU B 12 -9.52 -2.97 12.28
N HIS B 13 -8.86 -3.84 11.53
CA HIS B 13 -7.83 -3.41 10.57
C HIS B 13 -8.49 -2.55 9.50
N VAL B 14 -9.71 -2.92 9.11
CA VAL B 14 -10.44 -2.16 8.10
C VAL B 14 -10.69 -0.74 8.58
N HIS B 15 -11.13 -0.60 9.84
CA HIS B 15 -11.34 0.73 10.42
C HIS B 15 -10.05 1.53 10.42
N GLU B 16 -8.95 0.92 10.87
CA GLU B 16 -7.69 1.65 10.96
C GLU B 16 -7.20 2.08 9.58
N LYS B 17 -7.37 1.20 8.57
CA LYS B 17 -6.88 1.52 7.24
C LYS B 17 -7.72 2.63 6.61
N ILE B 18 -9.05 2.58 6.73
CA ILE B 18 -9.83 3.63 6.08
C ILE B 18 -9.63 4.97 6.77
N LYS B 19 -9.51 4.96 8.10
CA LYS B 19 -9.24 6.20 8.82
C LYS B 19 -7.90 6.79 8.41
N HIS B 20 -6.85 5.96 8.37
CA HIS B 20 -5.52 6.42 8.01
C HIS B 20 -5.49 6.98 6.59
N MET B 21 -6.14 6.27 5.65
CA MET B 21 -6.11 6.71 4.26
C MET B 21 -6.90 8.00 4.05
N VAL B 22 -8.06 8.13 4.70
CA VAL B 22 -8.84 9.36 4.56
C VAL B 22 -8.08 10.54 5.19
N LYS B 23 -7.51 10.33 6.38
CA LYS B 23 -6.71 11.38 7.01
C LYS B 23 -5.57 11.82 6.09
N ASN B 24 -4.83 10.86 5.53
CA ASN B 24 -3.65 11.21 4.75
C ASN B 24 -3.98 11.73 3.36
N TYR B 25 -5.04 11.22 2.72
CA TYR B 25 -5.24 11.45 1.30
C TYR B 25 -6.49 12.25 0.93
N GLY B 26 -7.44 12.41 1.84
CA GLY B 26 -8.57 13.29 1.59
C GLY B 26 -9.31 12.90 0.35
N THR B 27 -9.44 13.84 -0.59
CA THR B 27 -10.26 13.61 -1.78
C THR B 27 -9.69 12.52 -2.70
N MET B 28 -8.41 12.18 -2.58
CA MET B 28 -7.84 11.15 -3.44
C MET B 28 -8.40 9.76 -3.15
N ILE B 29 -9.08 9.57 -2.02
CA ILE B 29 -9.64 8.27 -1.66
C ILE B 29 -10.72 7.82 -2.64
N THR B 30 -11.36 8.76 -3.34
CA THR B 30 -12.35 8.39 -4.36
C THR B 30 -11.72 7.73 -5.57
N GLY B 31 -10.40 7.80 -5.71
CA GLY B 31 -9.75 7.22 -6.86
C GLY B 31 -9.87 8.02 -8.13
N ILE B 32 -10.33 9.27 -8.07
CA ILE B 32 -10.38 10.10 -9.27
C ILE B 32 -8.96 10.49 -9.66
N PRO B 33 -8.55 10.23 -10.90
CA PRO B 33 -7.26 10.75 -11.38
C PRO B 33 -7.24 12.27 -11.33
N ALA B 34 -6.07 12.83 -10.98
CA ALA B 34 -5.94 14.27 -10.88
C ALA B 34 -6.32 14.96 -12.18
N GLU B 35 -5.97 14.36 -13.33
CA GLU B 35 -6.28 15.00 -14.61
C GLU B 35 -7.79 15.07 -14.83
N ILE B 36 -8.54 14.05 -14.43
CA ILE B 36 -9.99 14.11 -14.55
C ILE B 36 -10.55 15.15 -13.58
N LEU B 37 -10.04 15.18 -12.35
CA LEU B 37 -10.45 16.20 -11.39
C LEU B 37 -10.26 17.60 -11.97
N GLY B 38 -9.09 17.87 -12.56
CA GLY B 38 -8.83 19.20 -13.08
C GLY B 38 -9.63 19.52 -14.32
N GLN B 39 -9.84 18.53 -15.19
CA GLN B 39 -10.70 18.74 -16.35
C GLN B 39 -12.14 19.00 -15.92
N ASN B 40 -12.64 18.25 -14.93
CA ASN B 40 -14.00 18.49 -14.44
C ASN B 40 -14.12 19.88 -13.82
N GLU B 41 -13.10 20.31 -13.07
CA GLU B 41 -13.17 21.62 -12.44
C GLU B 41 -13.16 22.74 -13.48
N ALA B 42 -12.38 22.58 -14.55
CA ALA B 42 -12.38 23.57 -15.62
C ALA B 42 -13.76 23.72 -16.23
N GLU B 43 -14.46 22.60 -16.41
CA GLU B 43 -15.77 22.65 -17.06
C GLU B 43 -16.78 23.46 -16.24
N ILE B 44 -16.62 23.49 -14.91
CA ILE B 44 -17.57 24.17 -14.04
C ILE B 44 -17.00 25.47 -13.47
N SER B 45 -15.85 25.92 -13.97
CA SER B 45 -15.25 27.17 -13.51
C SER B 45 -14.97 28.15 -14.64
N VAL B 46 -15.15 27.74 -15.90
CA VAL B 46 -14.71 28.58 -17.01
C VAL B 46 -15.51 29.87 -17.05
N GLY B 47 -16.77 29.85 -16.60
CA GLY B 47 -17.56 31.06 -16.56
C GLY B 47 -17.04 32.13 -15.63
N TYR B 48 -16.18 31.76 -14.69
CA TYR B 48 -15.63 32.68 -13.70
C TYR B 48 -14.35 33.37 -14.15
N VAL B 49 -13.71 32.85 -15.19
CA VAL B 49 -12.48 33.45 -15.69
C VAL B 49 -12.79 34.80 -16.33
N LYS B 50 -12.00 35.82 -15.98
CA LYS B 50 -12.20 37.17 -16.52
C LYS B 50 -12.16 37.19 -18.04
N LYS B 51 -13.03 38.01 -18.65
CA LYS B 51 -13.08 38.10 -20.10
C LYS B 51 -12.13 39.14 -20.69
N MET B 52 -11.79 40.16 -19.91
CA MET B 52 -10.90 41.21 -20.39
C MET B 52 -9.48 40.97 -19.89
N GLY B 53 -8.51 41.43 -20.67
CA GLY B 53 -7.14 41.45 -20.21
C GLY B 53 -6.29 40.27 -20.63
N ASN B 54 -5.26 39.96 -19.85
CA ASN B 54 -4.33 38.88 -20.16
C ASN B 54 -5.01 37.55 -19.82
N MET B 55 -5.42 36.80 -20.84
CA MET B 55 -6.22 35.61 -20.59
C MET B 55 -5.41 34.52 -19.88
N LYS B 56 -4.11 34.42 -20.19
CA LYS B 56 -3.28 33.46 -19.49
C LYS B 56 -3.21 33.76 -17.99
N GLU B 57 -3.05 35.04 -17.65
CA GLU B 57 -3.05 35.41 -16.23
C GLU B 57 -4.43 35.24 -15.61
N ASN B 58 -5.49 35.55 -16.36
CA ASN B 58 -6.85 35.36 -15.84
C ASN B 58 -7.10 33.89 -15.48
N ILE B 59 -6.62 32.96 -16.31
CA ILE B 59 -6.78 31.54 -16.03
C ILE B 59 -5.98 31.14 -14.80
N ALA B 60 -4.72 31.60 -14.73
CA ALA B 60 -3.85 31.23 -13.62
C ALA B 60 -4.48 31.63 -12.29
N GLU B 61 -5.08 32.82 -12.22
CA GLU B 61 -5.72 33.26 -10.99
C GLU B 61 -6.85 32.31 -10.58
N VAL B 62 -7.69 31.92 -11.55
CA VAL B 62 -8.80 31.01 -11.24
C VAL B 62 -8.27 29.66 -10.77
N VAL B 63 -7.25 29.13 -11.45
CA VAL B 63 -6.68 27.84 -11.06
C VAL B 63 -6.03 27.94 -9.68
N ARG B 64 -5.33 29.06 -9.43
CA ARG B 64 -4.61 29.20 -8.16
C ARG B 64 -5.57 29.24 -6.98
N LYS B 65 -6.71 29.91 -7.13
CA LYS B 65 -7.66 30.03 -6.04
C LYS B 65 -8.67 28.90 -5.97
N SER B 66 -8.56 27.90 -6.86
CA SER B 66 -9.56 26.84 -6.92
C SER B 66 -9.54 25.98 -5.65
N GLU B 67 -10.71 25.56 -5.22
CA GLU B 67 -10.96 24.68 -4.08
C GLU B 67 -11.07 23.21 -4.59
N MET B 68 -10.58 23.01 -5.79
CA MET B 68 -10.62 21.73 -6.46
C MET B 68 -10.34 20.48 -5.61
N THR B 69 -9.21 20.45 -4.96
CA THR B 69 -8.81 19.29 -4.19
C THR B 69 -9.33 19.16 -2.75
N GLN B 70 -10.14 20.10 -2.33
CA GLN B 70 -10.73 20.05 -1.00
C GLN B 70 -11.80 18.97 -1.04
N PRO B 71 -11.81 18.05 -0.08
CA PRO B 71 -12.80 16.97 -0.15
C PRO B 71 -14.22 17.50 0.02
N THR B 72 -15.17 16.69 -0.42
CA THR B 72 -16.56 17.06 -0.28
C THR B 72 -16.92 17.15 1.20
N ASN B 73 -17.89 18.01 1.52
CA ASN B 73 -18.52 17.95 2.82
C ASN B 73 -19.97 17.48 2.74
N SER B 74 -20.38 16.95 1.59
CA SER B 74 -21.70 16.33 1.48
C SER B 74 -21.75 15.08 2.36
N ALA B 75 -22.70 15.06 3.31
CA ALA B 75 -22.83 13.90 4.17
C ALA B 75 -23.18 12.66 3.38
N GLY B 76 -24.09 12.78 2.40
CA GLY B 76 -24.49 11.64 1.61
C GLY B 76 -23.38 11.12 0.72
N LYS B 77 -22.55 12.03 0.19
CA LYS B 77 -21.41 11.62 -0.62
C LYS B 77 -20.36 10.88 0.21
N ALA B 78 -20.06 11.38 1.41
CA ALA B 78 -19.13 10.68 2.28
C ALA B 78 -19.66 9.28 2.61
N SER B 79 -20.94 9.18 2.95
CA SER B 79 -21.52 7.87 3.23
C SER B 79 -21.43 6.94 2.02
N ASN B 80 -21.67 7.47 0.81
CA ASN B 80 -21.57 6.65 -0.38
C ASN B 80 -20.14 6.15 -0.58
N GLU B 81 -19.15 7.01 -0.32
CA GLU B 81 -17.76 6.61 -0.46
C GLU B 81 -17.40 5.52 0.54
N VAL B 82 -17.85 5.67 1.80
CA VAL B 82 -17.60 4.63 2.80
C VAL B 82 -18.20 3.31 2.36
N CYS B 83 -19.46 3.33 1.90
CA CYS B 83 -20.11 2.09 1.49
C CYS B 83 -19.41 1.45 0.30
N ASP B 84 -18.97 2.26 -0.66
CA ASP B 84 -18.26 1.73 -1.83
C ASP B 84 -16.99 1.00 -1.41
N LEU B 85 -16.22 1.58 -0.48
CA LEU B 85 -14.95 1.00 -0.09
C LEU B 85 -15.15 -0.26 0.75
N LEU B 86 -16.11 -0.23 1.68
CA LEU B 86 -16.27 -1.33 2.62
C LEU B 86 -17.01 -2.51 2.01
N LEU B 87 -17.92 -2.25 1.07
CA LEU B 87 -18.79 -3.28 0.52
C LEU B 87 -18.47 -3.65 -0.91
N GLY B 88 -17.75 -2.80 -1.63
CA GLY B 88 -17.66 -2.93 -3.07
C GLY B 88 -18.81 -2.20 -3.76
N THR B 89 -18.59 -1.90 -5.04
CA THR B 89 -19.58 -1.13 -5.79
C THR B 89 -20.92 -1.86 -5.84
N GLU B 90 -20.91 -3.16 -6.15
CA GLU B 90 -22.16 -3.91 -6.22
C GLU B 90 -22.74 -4.17 -4.84
N GLY B 91 -21.89 -4.40 -3.83
CA GLY B 91 -22.40 -4.52 -2.47
C GLY B 91 -23.09 -3.25 -2.01
N ALA B 92 -22.48 -2.09 -2.33
CA ALA B 92 -23.08 -0.82 -1.96
C ALA B 92 -24.39 -0.57 -2.70
N SER B 93 -24.50 -1.04 -3.95
CA SER B 93 -25.75 -0.85 -4.70
C SER B 93 -26.88 -1.65 -4.08
N GLU B 94 -26.64 -2.91 -3.70
CA GLU B 94 -27.69 -3.68 -3.06
C GLU B 94 -28.04 -3.09 -1.70
N PHE B 95 -27.03 -2.65 -0.94
CA PHE B 95 -27.29 -1.97 0.32
C PHE B 95 -28.16 -0.74 0.11
N GLU B 96 -27.86 0.05 -0.93
CA GLU B 96 -28.64 1.25 -1.20
C GLU B 96 -30.09 0.92 -1.55
N LYS B 97 -30.34 -0.20 -2.22
CA LYS B 97 -31.70 -0.59 -2.56
C LYS B 97 -32.49 -1.10 -1.37
N SER B 98 -31.81 -1.54 -0.30
CA SER B 98 -32.52 -2.09 0.84
C SER B 98 -33.25 -0.98 1.60
N SER B 99 -34.19 -1.38 2.42
CA SER B 99 -35.13 -0.48 3.06
C SER B 99 -34.60 0.09 4.37
N TYR B 100 -34.88 1.36 4.62
CA TYR B 100 -34.64 1.98 5.92
C TYR B 100 -35.73 1.58 6.91
N GLN B 101 -35.33 1.41 8.18
CA GLN B 101 -36.27 1.27 9.28
C GLN B 101 -36.16 2.49 10.19
N VAL B 102 -37.28 2.92 10.74
CA VAL B 102 -37.27 4.00 11.72
C VAL B 102 -36.73 3.46 13.05
N LEU B 103 -35.76 4.16 13.62
CA LEU B 103 -35.25 3.79 14.93
C LEU B 103 -36.37 3.88 15.96
N SER B 104 -36.51 2.81 16.77
CA SER B 104 -37.57 2.78 17.76
C SER B 104 -37.29 3.78 18.89
N GLY B 105 -38.29 3.94 19.76
CA GLY B 105 -38.18 4.94 20.82
C GLY B 105 -36.96 4.75 21.70
N ASP B 106 -36.69 3.50 22.08
CA ASP B 106 -35.52 3.20 22.92
C ASP B 106 -34.34 2.69 22.11
N GLY B 107 -34.44 2.71 20.78
CA GLY B 107 -33.35 2.25 19.95
C GLY B 107 -33.13 0.75 19.98
N SER B 108 -34.11 -0.01 20.47
CA SER B 108 -33.93 -1.45 20.62
C SER B 108 -33.84 -2.18 19.29
N ASN B 109 -34.48 -1.66 18.24
CA ASN B 109 -34.43 -2.39 16.97
C ASN B 109 -33.05 -2.27 16.33
N LEU B 110 -32.32 -1.19 16.60
CA LEU B 110 -30.93 -1.13 16.13
C LEU B 110 -30.00 -1.95 17.01
N LYS B 111 -30.17 -1.89 18.33
CA LYS B 111 -29.36 -2.70 19.23
CA LYS B 111 -29.34 -2.70 19.22
C LYS B 111 -29.46 -4.18 18.88
N GLY B 112 -30.70 -4.68 18.71
CA GLY B 112 -30.93 -6.04 18.32
C GLY B 112 -30.51 -6.39 16.91
N SER B 113 -29.99 -5.43 16.14
CA SER B 113 -29.53 -5.65 14.78
C SER B 113 -28.02 -5.63 14.67
N LEU B 114 -27.30 -5.78 15.79
CA LEU B 114 -25.84 -5.71 15.80
C LEU B 114 -25.24 -6.95 16.43
N PRO B 115 -25.39 -8.11 15.79
CA PRO B 115 -24.66 -9.29 16.27
C PRO B 115 -23.16 -9.09 16.09
N ASN B 116 -22.39 -9.93 16.78
CA ASN B 116 -20.94 -9.79 16.79
C ASN B 116 -20.35 -10.24 15.45
N LYS B 117 -20.63 -9.46 14.40
CA LYS B 117 -20.01 -9.62 13.10
C LYS B 117 -19.56 -8.24 12.64
N ASN B 118 -18.76 -8.20 11.58
CA ASN B 118 -18.38 -6.92 11.00
C ASN B 118 -19.58 -6.33 10.28
N LEU B 119 -20.08 -5.20 10.77
CA LEU B 119 -21.32 -4.62 10.29
C LEU B 119 -21.13 -3.16 9.92
N LEU B 120 -21.87 -2.73 8.91
CA LEU B 120 -21.94 -1.33 8.49
C LEU B 120 -23.38 -0.87 8.66
N VAL B 121 -23.56 0.21 9.41
CA VAL B 121 -24.87 0.86 9.58
C VAL B 121 -24.85 2.15 8.78
N ARG B 122 -25.90 2.39 7.99
CA ARG B 122 -26.12 3.68 7.37
C ARG B 122 -27.34 4.33 8.01
N VAL B 123 -27.20 5.59 8.40
CA VAL B 123 -28.25 6.32 9.09
C VAL B 123 -28.64 7.52 8.25
N GLU B 124 -29.94 7.80 8.20
CA GLU B 124 -30.47 9.00 7.59
C GLU B 124 -31.37 9.70 8.60
N MET B 125 -31.14 10.99 8.80
CA MET B 125 -31.95 11.81 9.70
C MET B 125 -32.94 12.61 8.88
N ASP B 126 -34.21 12.61 9.31
CA ASP B 126 -35.25 13.42 8.70
C ASP B 126 -35.77 14.45 9.69
N ARG B 127 -36.11 15.62 9.16
CA ARG B 127 -36.70 16.72 9.93
C ARG B 127 -38.15 16.92 9.50
N PHE B 128 -39.03 17.14 10.47
CA PHE B 128 -40.44 17.36 10.20
C PHE B 128 -40.73 18.84 9.97
N ASN B 129 -41.16 19.17 8.76
CA ASN B 129 -41.48 20.55 8.39
C ASN B 129 -42.99 20.78 8.30
N ALA B 130 -43.51 21.52 9.26
CA ALA B 130 -44.93 21.84 9.30
C ALA B 130 -45.12 23.35 9.18
N PRO B 131 -46.13 23.76 8.43
CA PRO B 131 -46.40 25.18 8.22
C PRO B 131 -46.79 25.88 9.52
N GLN B 132 -46.24 27.08 9.74
CA GLN B 132 -46.54 27.86 10.93
C GLN B 132 -47.34 29.12 10.64
N LYS B 133 -47.45 29.52 9.38
CA LYS B 133 -48.09 30.77 9.00
C LYS B 133 -49.11 30.51 7.89
N TYR B 134 -50.05 31.44 7.76
CA TYR B 134 -51.00 31.45 6.66
C TYR B 134 -51.05 32.85 6.06
N GLN B 135 -51.73 32.96 4.92
CA GLN B 135 -51.97 34.25 4.30
C GLN B 135 -53.25 34.18 3.49
N LYS B 136 -54.13 35.16 3.68
CA LYS B 136 -55.23 35.38 2.77
C LYS B 136 -54.74 36.13 1.54
N ILE B 137 -55.12 35.65 0.36
CA ILE B 137 -54.61 36.24 -0.88
C ILE B 137 -55.58 35.90 -2.00
N LYS B 138 -55.60 36.76 -3.02
CA LYS B 138 -56.45 36.64 -4.22
C LYS B 138 -55.87 35.69 -5.25
N ARG B 139 -56.74 34.98 -5.93
CA ARG B 139 -56.26 33.95 -6.84
C ARG B 139 -55.24 34.50 -7.84
N GLU B 140 -55.59 35.59 -8.53
CA GLU B 140 -54.68 36.18 -9.51
C GLU B 140 -53.50 36.91 -8.89
N GLU B 141 -53.53 37.12 -7.57
CA GLU B 141 -52.35 37.63 -6.87
C GLU B 141 -51.47 36.51 -6.33
N PHE B 142 -51.94 35.26 -6.37
CA PHE B 142 -51.16 34.12 -5.91
C PHE B 142 -50.31 33.59 -7.04
N ASN B 143 -48.99 33.58 -6.83
CA ASN B 143 -48.06 33.00 -7.78
C ASN B 143 -47.22 31.95 -7.04
N PRO B 144 -47.44 30.66 -7.29
CA PRO B 144 -46.70 29.64 -6.52
C PRO B 144 -45.21 29.63 -6.78
N GLU B 145 -44.73 30.19 -7.89
CA GLU B 145 -43.30 30.27 -8.13
C GLU B 145 -42.62 31.36 -7.32
N THR B 146 -43.39 32.35 -6.83
CA THR B 146 -42.84 33.43 -6.02
C THR B 146 -43.31 33.42 -4.57
N ALA B 147 -44.37 32.66 -4.27
CA ALA B 147 -44.96 32.69 -2.94
C ALA B 147 -44.05 32.02 -1.91
N GLU B 148 -44.17 32.47 -0.66
CA GLU B 148 -43.47 31.84 0.45
C GLU B 148 -43.88 30.37 0.56
N LYS B 149 -42.89 29.48 0.44
CA LYS B 149 -43.17 28.06 0.48
C LYS B 149 -43.29 27.58 1.92
N ASN B 150 -43.85 26.38 2.09
CA ASN B 150 -44.16 25.80 3.40
C ASN B 150 -45.08 26.74 4.18
N LYS B 151 -46.26 27.00 3.60
CA LYS B 151 -47.16 28.01 4.14
C LYS B 151 -48.58 27.72 3.65
N ILE B 152 -49.54 27.98 4.50
CA ILE B 152 -50.95 27.85 4.15
C ILE B 152 -51.39 29.11 3.43
N TYR B 153 -52.17 28.95 2.36
CA TYR B 153 -52.75 30.09 1.65
C TYR B 153 -54.26 29.88 1.55
N LEU B 154 -55.02 30.88 1.99
CA LEU B 154 -56.48 30.86 1.94
C LEU B 154 -56.92 31.79 0.81
N LEU B 155 -57.31 31.20 -0.32
CA LEU B 155 -57.76 31.97 -1.47
C LEU B 155 -59.28 32.19 -1.37
N GLU B 156 -59.80 32.90 -2.35
CA GLU B 156 -61.21 33.18 -2.41
C GLU B 156 -62.06 31.89 -2.32
N ASP B 157 -61.65 30.85 -3.01
CA ASP B 157 -62.45 29.64 -3.12
C ASP B 157 -61.63 28.36 -2.90
N GLN B 158 -60.47 28.45 -2.25
CA GLN B 158 -59.66 27.26 -2.04
C GLN B 158 -58.72 27.48 -0.86
N LEU B 159 -58.42 26.38 -0.17
CA LEU B 159 -57.49 26.35 0.95
C LEU B 159 -56.39 25.42 0.45
N VAL B 160 -55.15 25.92 0.44
CA VAL B 160 -54.05 25.13 -0.10
C VAL B 160 -52.83 25.25 0.80
N TYR B 161 -51.90 24.32 0.61
CA TYR B 161 -50.59 24.32 1.25
C TYR B 161 -49.53 24.25 0.17
N LEU B 162 -48.66 25.25 0.12
CA LEU B 162 -47.52 25.25 -0.79
C LEU B 162 -46.36 24.59 -0.08
N ASP B 163 -46.02 23.37 -0.47
CA ASP B 163 -45.00 22.61 0.23
C ASP B 163 -43.61 23.19 -0.05
N ILE B 164 -42.60 22.60 0.61
CA ILE B 164 -41.24 23.11 0.48
C ILE B 164 -40.79 23.10 -0.97
N PHE B 165 -41.25 22.13 -1.76
CA PHE B 165 -40.83 21.99 -3.15
C PHE B 165 -41.76 22.72 -4.12
N GLY B 166 -42.48 23.74 -3.65
CA GLY B 166 -43.26 24.59 -4.52
C GLY B 166 -44.50 23.97 -5.13
N LYS B 167 -44.87 22.76 -4.72
CA LYS B 167 -46.10 22.14 -5.18
C LYS B 167 -47.29 22.69 -4.41
N VAL B 168 -48.38 22.97 -5.12
CA VAL B 168 -49.62 23.42 -4.49
C VAL B 168 -50.46 22.18 -4.16
N ILE B 169 -50.78 22.02 -2.88
CA ILE B 169 -51.50 20.85 -2.39
C ILE B 169 -52.86 21.31 -1.87
N ASP B 170 -53.92 20.72 -2.41
CA ASP B 170 -55.27 21.04 -1.97
C ASP B 170 -55.55 20.43 -0.61
N LEU B 171 -56.33 21.14 0.20
CA LEU B 171 -56.64 20.71 1.56
C LEU B 171 -58.08 20.25 1.70
N GLY B 172 -58.68 19.76 0.62
CA GLY B 172 -59.97 19.12 0.68
C GLY B 172 -61.10 19.98 1.20
N GLN B 173 -61.02 21.27 0.92
CA GLN B 173 -62.02 22.23 1.37
C GLN B 173 -62.94 22.74 0.28
N THR B 174 -64.21 22.88 0.59
CA THR B 174 -65.22 23.35 -0.36
C THR B 174 -65.28 24.84 -0.50
N SER B 175 -65.46 25.31 -1.72
CA SER B 175 -65.50 26.74 -1.96
C SER B 175 -66.47 27.45 -1.02
N ASP B 176 -67.44 26.72 -0.46
CA ASP B 176 -68.35 27.32 0.52
C ASP B 176 -67.63 27.62 1.83
N THR B 177 -66.80 26.69 2.30
CA THR B 177 -66.03 26.94 3.52
C THR B 177 -64.94 27.97 3.29
N CYS B 178 -64.23 27.86 2.16
CA CYS B 178 -63.11 28.77 1.90
C CYS B 178 -63.59 30.19 1.68
N HIS B 179 -64.61 30.43 0.87
CA HIS B 179 -65.07 31.80 0.77
C HIS B 179 -65.53 32.26 2.17
N ARG B 180 -66.18 31.40 2.94
CA ARG B 180 -66.69 31.84 4.22
C ARG B 180 -65.55 32.22 5.17
N LEU B 181 -64.55 31.34 5.30
CA LEU B 181 -63.38 31.67 6.11
C LEU B 181 -62.70 32.93 5.58
N PHE B 182 -62.66 33.06 4.26
CA PHE B 182 -62.03 34.22 3.62
C PHE B 182 -62.81 35.50 3.89
N ASN B 183 -64.11 35.39 4.14
CA ASN B 183 -64.93 36.53 4.54
C ASN B 183 -64.98 36.73 6.05
N ALA B 184 -64.78 35.67 6.84
CA ALA B 184 -64.86 35.80 8.29
C ALA B 184 -63.58 36.34 8.90
N ILE B 185 -62.42 36.00 8.32
CA ILE B 185 -61.15 36.56 8.77
C ILE B 185 -61.21 38.07 8.60
N THR B 186 -61.35 38.80 9.73
CA THR B 186 -61.60 40.25 9.70
C THR B 186 -60.74 40.93 10.76
N THR B 187 -59.51 41.23 10.38
CA THR B 187 -58.57 42.11 11.08
C THR B 187 -57.39 42.30 10.15
N PRO B 188 -56.96 43.55 9.91
CA PRO B 188 -55.81 43.77 9.02
C PRO B 188 -54.57 42.98 9.41
N PHE B 189 -54.25 42.94 10.70
CA PHE B 189 -53.11 42.15 11.16
C PHE B 189 -53.27 40.65 10.90
N TYR B 190 -54.49 40.14 10.80
CA TYR B 190 -54.78 38.72 10.66
C TYR B 190 -54.84 38.28 9.20
N GLN B 191 -54.33 39.10 8.27
CA GLN B 191 -54.30 38.72 6.86
C GLN B 191 -53.11 37.84 6.53
N ASN B 192 -51.98 38.05 7.21
CA ASN B 192 -50.76 37.27 7.01
C ASN B 192 -50.20 37.03 8.41
N TYR B 193 -50.60 35.91 9.02
CA TYR B 193 -50.50 35.74 10.45
C TYR B 193 -50.08 34.32 10.79
N ILE B 194 -49.85 34.07 12.08
CA ILE B 194 -49.46 32.74 12.55
C ILE B 194 -50.70 31.88 12.71
N LEU B 195 -50.48 30.56 12.65
CA LEU B 195 -51.56 29.58 12.60
C LEU B 195 -52.10 29.18 13.97
N TYR B 196 -51.26 29.13 15.01
CA TYR B 196 -51.67 28.55 16.28
C TYR B 196 -51.39 29.55 17.41
N ASP B 197 -52.02 30.72 17.30
CA ASP B 197 -51.82 31.79 18.27
C ASP B 197 -52.47 31.42 19.61
N GLU B 198 -51.66 31.43 20.68
CA GLU B 198 -52.15 31.01 21.98
C GLU B 198 -53.19 31.97 22.55
N TYR B 199 -53.06 33.26 22.28
CA TYR B 199 -53.88 34.28 22.92
C TYR B 199 -55.25 34.45 22.27
N ILE B 200 -55.61 33.62 21.32
CA ILE B 200 -56.92 33.70 20.69
C ILE B 200 -57.90 32.81 21.45
N ASP B 201 -59.06 33.33 21.79
CA ASP B 201 -60.16 32.55 22.34
C ASP B 201 -61.26 32.45 21.30
N PRO B 202 -61.62 31.25 20.84
CA PRO B 202 -62.74 31.14 19.89
C PRO B 202 -64.08 31.53 20.49
N GLU B 203 -64.20 31.50 21.82
CA GLU B 203 -65.45 31.84 22.51
C GLU B 203 -65.56 33.32 22.83
N GLU B 204 -64.49 34.10 22.64
CA GLU B 204 -64.53 35.49 23.06
C GLU B 204 -65.13 36.40 21.98
N SER B 205 -64.82 36.15 20.72
CA SER B 205 -65.27 37.03 19.65
C SER B 205 -65.51 36.20 18.39
N ALA B 206 -65.57 36.87 17.24
CA ALA B 206 -66.11 36.28 16.02
C ALA B 206 -65.03 35.70 15.11
N GLU B 207 -64.20 36.54 14.49
CA GLU B 207 -63.20 36.06 13.56
C GLU B 207 -62.18 35.15 14.24
N GLU B 208 -62.07 35.23 15.57
CA GLU B 208 -61.25 34.27 16.29
C GLU B 208 -61.73 32.85 16.06
N ALA B 209 -63.03 32.66 15.84
CA ALA B 209 -63.54 31.32 15.54
C ALA B 209 -63.04 30.82 14.19
N ALA B 210 -63.03 31.69 13.18
CA ALA B 210 -62.53 31.29 11.87
C ALA B 210 -61.05 30.93 11.92
N MET B 211 -60.29 31.68 12.73
CA MET B 211 -58.86 31.44 12.87
C MET B 211 -58.56 30.09 13.53
N PHE B 212 -59.22 29.83 14.66
CA PHE B 212 -59.01 28.58 15.39
C PHE B 212 -59.50 27.39 14.58
N GLU B 213 -60.66 27.54 13.93
CA GLU B 213 -61.18 26.45 13.10
C GLU B 213 -60.22 26.12 11.97
N MET B 214 -59.66 27.15 11.32
CA MET B 214 -58.72 26.93 10.23
C MET B 214 -57.47 26.22 10.72
N GLY B 215 -57.07 26.44 11.97
CA GLY B 215 -55.89 25.78 12.49
C GLY B 215 -56.06 24.28 12.62
N GLU B 216 -57.23 23.84 13.11
CA GLU B 216 -57.46 22.41 13.27
C GLU B 216 -57.63 21.71 11.93
N ILE B 217 -58.22 22.39 10.94
CA ILE B 217 -58.23 21.88 9.58
C ILE B 217 -56.81 21.65 9.09
N VAL B 218 -55.95 22.67 9.24
CA VAL B 218 -54.57 22.55 8.79
C VAL B 218 -53.84 21.47 9.59
N LYS B 219 -54.07 21.42 10.90
CA LYS B 219 -53.40 20.42 11.73
C LYS B 219 -53.82 19.01 11.35
N ALA B 220 -55.12 18.79 11.13
CA ALA B 220 -55.60 17.47 10.76
C ALA B 220 -55.14 17.09 9.36
N LYS B 221 -55.16 18.03 8.42
CA LYS B 221 -54.81 17.71 7.04
C LYS B 221 -53.32 17.46 6.86
N MET B 222 -52.48 18.04 7.71
CA MET B 222 -51.03 17.82 7.60
C MET B 222 -50.64 16.38 7.90
N LYS B 223 -51.44 15.65 8.67
CA LYS B 223 -51.08 14.29 9.05
C LYS B 223 -51.08 13.34 7.86
N ASN B 224 -51.72 13.72 6.77
CA ASN B 224 -51.71 12.93 5.54
C ASN B 224 -50.71 13.48 4.54
N ILE B 225 -50.02 14.51 4.93
CA ILE B 225 -49.01 15.13 4.07
C ILE B 225 -47.65 14.79 4.65
N ASP B 226 -46.82 14.11 3.87
CA ASP B 226 -45.49 13.71 4.30
C ASP B 226 -44.61 14.96 4.40
N CYS B 227 -44.42 15.44 5.64
CA CYS B 227 -43.65 16.65 5.88
C CYS B 227 -42.21 16.37 6.27
N TRP B 228 -41.75 15.12 6.16
CA TRP B 228 -40.38 14.78 6.51
C TRP B 228 -39.45 15.06 5.34
N THR B 229 -38.30 15.68 5.63
CA THR B 229 -37.25 15.90 4.66
C THR B 229 -35.90 15.50 5.24
N ALA B 230 -35.08 14.86 4.41
CA ALA B 230 -33.76 14.41 4.87
C ALA B 230 -32.90 15.59 5.28
N THR B 231 -32.15 15.43 6.36
CA THR B 231 -31.35 16.52 6.90
C THR B 231 -29.91 16.16 7.22
N HIS B 232 -29.57 14.88 7.39
CA HIS B 232 -28.19 14.49 7.64
C HIS B 232 -28.09 12.99 7.39
N SER B 233 -26.87 12.55 7.11
CA SER B 233 -26.61 11.17 6.71
C SER B 233 -25.24 10.81 7.26
N PHE B 234 -25.08 9.57 7.71
CA PHE B 234 -23.77 9.12 8.14
C PHE B 234 -23.76 7.59 8.20
N THR B 235 -22.57 7.04 8.41
CA THR B 235 -22.42 5.60 8.54
C THR B 235 -21.78 5.29 9.90
N ILE B 236 -21.93 4.03 10.32
CA ILE B 236 -21.30 3.54 11.54
C ILE B 236 -20.69 2.19 11.21
N PHE B 237 -19.37 2.06 11.41
CA PHE B 237 -18.71 0.78 11.26
C PHE B 237 -18.62 0.12 12.63
N VAL B 238 -19.08 -1.14 12.71
CA VAL B 238 -19.09 -1.88 13.98
C VAL B 238 -18.31 -3.17 13.81
N PRO B 239 -16.99 -3.16 14.00
CA PRO B 239 -16.20 -4.35 13.75
C PRO B 239 -16.56 -5.48 14.71
N GLU B 240 -16.28 -6.70 14.26
CA GLU B 240 -16.32 -7.84 15.16
C GLU B 240 -15.28 -7.67 16.26
N SER B 241 -15.61 -8.12 17.47
CA SER B 241 -14.70 -8.03 18.61
C SER B 241 -14.53 -9.41 19.24
N ASP B 242 -13.59 -9.49 20.17
CA ASP B 242 -13.30 -10.73 20.87
C ASP B 242 -14.47 -11.14 21.76
N SER B 243 -15.12 -10.15 22.37
CA SER B 243 -16.26 -10.40 23.24
C SER B 243 -17.20 -9.22 23.18
N GLU B 244 -18.38 -9.39 23.78
CA GLU B 244 -19.37 -8.31 23.79
C GLU B 244 -18.88 -7.13 24.61
N ASP B 245 -18.06 -7.38 25.65
CA ASP B 245 -17.57 -6.30 26.49
C ASP B 245 -16.72 -5.31 25.70
N THR B 246 -15.96 -5.80 24.72
CA THR B 246 -15.00 -4.97 23.99
C THR B 246 -15.56 -4.46 22.66
N ARG B 247 -16.82 -4.71 22.36
CA ARG B 247 -17.39 -4.27 21.09
C ARG B 247 -17.56 -2.75 21.09
N THR B 248 -17.16 -2.11 19.98
CA THR B 248 -17.25 -0.66 19.85
C THR B 248 -17.72 -0.30 18.45
N LEU B 249 -18.36 0.85 18.33
CA LEU B 249 -18.78 1.37 17.03
C LEU B 249 -18.01 2.65 16.71
N TYR B 250 -17.86 2.92 15.43
CA TYR B 250 -17.12 4.09 14.94
C TYR B 250 -18.01 4.81 13.94
N PRO B 251 -18.60 5.94 14.32
CA PRO B 251 -19.40 6.70 13.35
C PRO B 251 -18.49 7.51 12.44
N TYR B 252 -18.85 7.55 11.16
CA TYR B 252 -18.12 8.25 10.11
C TYR B 252 -19.06 9.28 9.48
N GLN B 253 -18.60 10.53 9.34
CA GLN B 253 -19.47 11.48 8.66
C GLN B 253 -18.69 12.63 8.05
N ALA B 254 -19.32 13.25 7.06
CA ALA B 254 -19.13 14.64 6.70
C ALA B 254 -20.40 15.39 7.08
N TYR B 255 -20.33 16.72 7.12
CA TYR B 255 -21.55 17.49 7.38
C TYR B 255 -21.61 18.67 6.41
N TRP B 256 -22.73 18.75 5.69
CA TRP B 256 -22.86 19.70 4.57
C TRP B 256 -22.57 21.12 5.02
N THR B 257 -21.70 21.80 4.27
CA THR B 257 -21.19 23.15 4.49
C THR B 257 -20.39 23.29 5.79
N SER B 258 -20.14 22.20 6.50
CA SER B 258 -19.55 22.27 7.83
CA SER B 258 -19.54 22.29 7.82
C SER B 258 -18.17 21.63 7.90
N HIS B 259 -18.05 20.34 7.58
CA HIS B 259 -16.75 19.69 7.70
C HIS B 259 -16.71 18.46 6.81
N THR B 260 -15.49 17.99 6.55
CA THR B 260 -15.24 16.81 5.75
C THR B 260 -15.01 15.58 6.62
N LEU B 261 -15.03 14.40 5.98
CA LEU B 261 -14.70 13.16 6.69
C LEU B 261 -13.25 13.17 7.14
N GLN B 262 -12.36 13.74 6.33
CA GLN B 262 -10.97 13.90 6.74
C GLN B 262 -10.83 14.74 8.01
N GLN B 263 -11.63 15.81 8.13
CA GLN B 263 -11.57 16.62 9.35
C GLN B 263 -12.16 15.87 10.54
N TRP B 264 -13.23 15.12 10.30
CA TRP B 264 -13.82 14.25 11.32
C TRP B 264 -12.77 13.30 11.90
N PHE B 265 -12.01 12.63 11.03
CA PHE B 265 -11.00 11.70 11.49
C PHE B 265 -9.80 12.41 12.12
N SER B 266 -9.36 13.52 11.54
CA SER B 266 -8.17 14.19 12.08
C SER B 266 -8.47 14.82 13.44
N GLY B 267 -9.74 15.18 13.69
CA GLY B 267 -10.18 15.60 15.01
C GLY B 267 -10.56 14.48 15.94
N ASP B 268 -10.42 13.22 15.49
CA ASP B 268 -10.62 12.03 16.31
C ASP B 268 -12.04 11.92 16.88
N LYS B 269 -13.04 12.50 16.22
CA LYS B 269 -14.40 12.42 16.75
C LYS B 269 -15.01 11.02 16.60
N ASP B 270 -14.55 10.23 15.63
CA ASP B 270 -14.98 8.83 15.59
C ASP B 270 -14.56 8.09 16.85
N GLU B 271 -13.32 8.31 17.30
CA GLU B 271 -12.82 7.65 18.50
C GLU B 271 -13.52 8.17 19.74
N LYS B 272 -13.76 9.49 19.80
CA LYS B 272 -14.41 10.08 20.96
C LYS B 272 -15.82 9.54 21.14
N LEU B 273 -16.58 9.43 20.05
CA LEU B 273 -17.94 8.91 20.16
C LEU B 273 -17.95 7.42 20.46
N SER B 274 -16.91 6.69 20.04
CA SER B 274 -16.83 5.27 20.34
C SER B 274 -16.66 5.00 21.83
N ARG B 275 -16.11 5.96 22.57
CA ARG B 275 -15.98 5.79 24.02
C ARG B 275 -17.32 5.84 24.74
N LEU B 276 -18.39 6.26 24.08
CA LEU B 276 -19.70 6.20 24.70
C LEU B 276 -20.21 4.77 24.86
N GLY B 277 -19.60 3.82 24.15
CA GLY B 277 -20.13 2.47 24.10
C GLY B 277 -21.30 2.39 23.12
N ILE B 278 -21.67 1.16 22.78
CA ILE B 278 -22.71 0.94 21.79
C ILE B 278 -24.07 1.36 22.32
N ASP B 279 -24.41 0.91 23.53
CA ASP B 279 -25.68 1.29 24.14
C ASP B 279 -25.74 2.80 24.39
N GLY B 280 -24.65 3.38 24.89
CA GLY B 280 -24.64 4.80 25.17
C GLY B 280 -24.81 5.65 23.93
N TYR B 281 -24.22 5.22 22.81
CA TYR B 281 -24.39 5.97 21.57
C TYR B 281 -25.83 5.84 21.06
N ILE B 282 -26.35 4.61 21.03
CA ILE B 282 -27.68 4.37 20.48
C ILE B 282 -28.74 5.08 21.32
N GLU B 283 -28.55 5.12 22.63
CA GLU B 283 -29.52 5.80 23.49
C GLU B 283 -29.59 7.29 23.18
N LYS B 284 -28.44 7.93 22.93
CA LYS B 284 -28.46 9.34 22.53
C LYS B 284 -29.14 9.51 21.18
N LEU B 285 -28.88 8.59 20.25
CA LEU B 285 -29.48 8.69 18.92
C LEU B 285 -30.99 8.51 19.00
N ALA B 286 -31.46 7.60 19.85
CA ALA B 286 -32.90 7.40 19.98
C ALA B 286 -33.55 8.58 20.69
N LEU B 287 -32.86 9.17 21.67
CA LEU B 287 -33.38 10.35 22.35
C LEU B 287 -33.64 11.50 21.38
N LEU B 288 -32.79 11.60 20.35
CA LEU B 288 -32.95 12.64 19.33
C LEU B 288 -34.29 12.52 18.62
N GLY B 289 -34.79 11.29 18.44
CA GLY B 289 -36.07 11.06 17.79
C GLY B 289 -37.28 11.08 18.68
N THR B 290 -37.12 11.03 20.00
CA THR B 290 -38.26 11.04 20.91
C THR B 290 -38.44 12.34 21.68
N THR B 291 -37.37 13.07 21.96
CA THR B 291 -37.50 14.23 22.84
C THR B 291 -38.37 15.29 22.18
N THR B 292 -39.09 16.03 23.03
CA THR B 292 -39.87 17.20 22.63
C THR B 292 -39.23 18.49 23.13
N ASP B 293 -38.04 18.40 23.72
CA ASP B 293 -37.33 19.54 24.30
C ASP B 293 -36.29 20.00 23.29
N SER B 294 -36.47 21.19 22.72
CA SER B 294 -35.59 21.62 21.64
C SER B 294 -34.17 21.91 22.14
N LYS B 295 -34.02 22.34 23.39
CA LYS B 295 -32.68 22.54 23.92
C LYS B 295 -31.92 21.21 24.02
N ILE B 296 -32.59 20.16 24.50
CA ILE B 296 -31.93 18.85 24.58
C ILE B 296 -31.69 18.29 23.18
N ARG B 297 -32.69 18.41 22.30
CA ARG B 297 -32.52 17.95 20.93
C ARG B 297 -31.31 18.61 20.28
N SER B 298 -31.10 19.90 20.57
CA SER B 298 -29.99 20.65 19.98
C SER B 298 -28.65 20.23 20.58
N SER B 299 -28.59 20.07 21.91
CA SER B 299 -27.32 19.71 22.52
C SER B 299 -26.90 18.28 22.15
N ILE B 300 -27.87 17.36 22.03
CA ILE B 300 -27.52 16.01 21.58
C ILE B 300 -27.08 16.04 20.12
N TYR B 301 -27.77 16.82 19.29
CA TYR B 301 -27.40 16.93 17.89
C TYR B 301 -25.97 17.45 17.76
N GLY B 302 -25.62 18.47 18.55
CA GLY B 302 -24.25 18.97 18.53
C GLY B 302 -23.24 17.94 18.99
N GLU B 303 -23.54 17.25 20.10
CA GLU B 303 -22.60 16.26 20.62
C GLU B 303 -22.31 15.17 19.61
N LEU B 304 -23.34 14.72 18.89
CA LEU B 304 -23.18 13.60 17.96
C LEU B 304 -22.63 14.04 16.61
N PHE B 305 -23.01 15.22 16.12
CA PHE B 305 -22.80 15.54 14.70
C PHE B 305 -22.01 16.81 14.42
N SER B 306 -21.66 17.61 15.42
CA SER B 306 -20.90 18.82 15.14
C SER B 306 -19.49 18.47 14.66
N PRO B 307 -18.83 19.41 13.97
CA PRO B 307 -17.39 19.26 13.76
C PRO B 307 -16.69 19.11 15.09
N PRO B 308 -15.55 18.42 15.13
CA PRO B 308 -14.81 18.27 16.38
C PRO B 308 -14.55 19.62 17.02
N GLY B 309 -14.87 19.72 18.31
CA GLY B 309 -14.65 20.95 19.05
C GLY B 309 -15.79 21.95 19.03
N LYS B 310 -16.81 21.74 18.20
CA LYS B 310 -17.91 22.69 18.08
C LYS B 310 -19.21 22.20 18.72
N GLU B 311 -19.14 21.15 19.55
CA GLU B 311 -20.35 20.52 20.10
C GLU B 311 -21.28 21.52 20.78
N HIS B 312 -20.73 22.52 21.47
CA HIS B 312 -21.54 23.40 22.29
C HIS B 312 -21.95 24.69 21.59
N VAL B 313 -21.69 24.82 20.29
CA VAL B 313 -22.06 26.04 19.57
C VAL B 313 -22.75 25.68 18.25
N PHE B 314 -22.71 24.39 17.91
CA PHE B 314 -23.19 23.95 16.60
C PHE B 314 -24.69 24.16 16.45
N CYS B 315 -25.47 23.91 17.50
CA CYS B 315 -26.92 23.95 17.42
C CYS B 315 -27.52 25.00 18.35
N THR B 316 -26.89 26.15 18.43
CA THR B 316 -27.41 27.25 19.23
C THR B 316 -27.86 28.38 18.30
N GLY B 317 -28.53 29.36 18.89
CA GLY B 317 -28.94 30.54 18.14
C GLY B 317 -29.85 30.18 17.00
N MET B 318 -29.44 30.57 15.78
CA MET B 318 -30.24 30.32 14.59
C MET B 318 -30.34 28.84 14.24
N ASN B 319 -29.44 28.01 14.73
CA ASN B 319 -29.41 26.60 14.38
CA ASN B 319 -29.41 26.60 14.38
C ASN B 319 -29.97 25.70 15.47
N GLU B 320 -30.81 26.25 16.35
CA GLU B 320 -31.46 25.43 17.36
C GLU B 320 -32.48 24.50 16.69
N LYS B 321 -32.47 23.23 17.12
CA LYS B 321 -33.29 22.20 16.48
C LYS B 321 -34.70 22.26 17.08
N PHE B 322 -35.53 23.15 16.50
CA PHE B 322 -36.90 23.32 16.95
C PHE B 322 -37.85 22.26 16.39
N SER B 323 -37.48 21.59 15.32
CA SER B 323 -38.43 20.68 14.68
C SER B 323 -38.17 19.24 15.10
N PRO B 324 -39.23 18.42 15.19
CA PRO B 324 -39.03 17.00 15.47
C PRO B 324 -38.10 16.36 14.45
N LEU B 325 -37.34 15.38 14.91
CA LEU B 325 -36.42 14.62 14.08
C LEU B 325 -36.80 13.16 14.13
N ARG B 326 -36.38 12.40 13.14
CA ARG B 326 -36.47 10.96 13.23
C ARG B 326 -35.22 10.34 12.63
N VAL B 327 -34.87 9.17 13.15
CA VAL B 327 -33.67 8.45 12.77
C VAL B 327 -34.12 7.19 12.04
N LYS B 328 -33.55 6.96 10.86
CA LYS B 328 -33.75 5.73 10.12
C LYS B 328 -32.39 5.07 9.87
N PHE B 329 -32.39 3.74 9.80
CA PHE B 329 -31.13 3.03 9.67
C PHE B 329 -31.32 1.78 8.82
N LYS B 330 -30.20 1.30 8.28
CA LYS B 330 -30.08 0.00 7.65
C LYS B 330 -28.72 -0.57 8.01
N VAL B 331 -28.63 -1.90 8.03
CA VAL B 331 -27.43 -2.60 8.50
C VAL B 331 -27.10 -3.70 7.51
N THR B 332 -25.81 -3.89 7.23
CA THR B 332 -25.38 -4.98 6.38
C THR B 332 -23.99 -5.45 6.80
N GLU B 333 -23.66 -6.68 6.45
CA GLU B 333 -22.41 -7.28 6.87
C GLU B 333 -21.25 -6.82 5.99
N VAL B 334 -20.09 -6.61 6.62
CA VAL B 334 -18.86 -6.25 5.91
C VAL B 334 -17.95 -7.46 5.86
N ASN B 335 -17.47 -7.80 4.66
CA ASN B 335 -16.44 -8.82 4.52
C ASN B 335 -15.09 -8.13 4.55
N PRO B 336 -14.26 -8.34 5.59
CA PRO B 336 -13.03 -7.55 5.70
C PRO B 336 -12.04 -7.81 4.58
N GLU B 337 -11.99 -9.04 4.06
CA GLU B 337 -11.13 -9.33 2.92
C GLU B 337 -11.49 -8.45 1.72
N ILE B 338 -12.80 -8.25 1.49
CA ILE B 338 -13.24 -7.41 0.39
C ILE B 338 -12.95 -5.94 0.68
N ALA B 339 -13.20 -5.50 1.91
CA ALA B 339 -12.95 -4.10 2.26
C ALA B 339 -11.47 -3.76 2.16
N LEU B 340 -10.61 -4.61 2.71
CA LEU B 340 -9.17 -4.36 2.61
C LEU B 340 -8.69 -4.39 1.17
N GLN B 341 -9.27 -5.27 0.35
CA GLN B 341 -8.92 -5.31 -1.07
C GLN B 341 -9.27 -3.99 -1.76
N ASN B 342 -10.48 -3.48 -1.51
CA ASN B 342 -10.89 -2.21 -2.11
C ASN B 342 -9.99 -1.07 -1.67
N LEU B 343 -9.66 -1.03 -0.38
CA LEU B 343 -8.82 0.05 0.13
C LEU B 343 -7.41 -0.04 -0.44
N GLU B 344 -6.89 -1.25 -0.63
CA GLU B 344 -5.55 -1.40 -1.16
C GLU B 344 -5.48 -1.06 -2.64
N GLU B 345 -6.55 -1.30 -3.41
CA GLU B 345 -6.56 -0.88 -4.81
C GLU B 345 -6.43 0.64 -4.93
N VAL B 346 -7.12 1.36 -4.07
CA VAL B 346 -6.99 2.82 -4.06
C VAL B 346 -5.59 3.23 -3.62
N GLN B 347 -5.06 2.56 -2.60
CA GLN B 347 -3.71 2.87 -2.12
C GLN B 347 -2.67 2.60 -3.20
N GLU B 348 -2.83 1.49 -3.94
CA GLU B 348 -1.89 1.16 -5.00
C GLU B 348 -1.99 2.16 -6.15
N PHE B 349 -3.21 2.61 -6.47
CA PHE B 349 -3.39 3.61 -7.51
C PHE B 349 -2.70 4.92 -7.12
N ILE B 350 -2.79 5.30 -5.85
CA ILE B 350 -2.17 6.54 -5.39
C ILE B 350 -0.64 6.42 -5.44
N ASP B 351 -0.09 5.34 -4.89
CA ASP B 351 1.36 5.17 -4.90
C ASP B 351 1.92 5.06 -6.31
N THR B 352 1.16 4.44 -7.24
CA THR B 352 1.69 4.28 -8.59
C THR B 352 1.67 5.60 -9.35
N ASN B 353 0.59 6.37 -9.22
CA ASN B 353 0.42 7.56 -10.05
C ASN B 353 0.85 8.85 -9.39
N TYR B 354 0.90 8.91 -8.06
CA TYR B 354 1.34 10.10 -7.34
C TYR B 354 2.38 9.68 -6.30
N PRO B 355 3.53 9.19 -6.75
CA PRO B 355 4.54 8.70 -5.80
C PRO B 355 5.12 9.84 -4.96
N GLY B 356 5.58 9.49 -3.78
CA GLY B 356 6.17 10.46 -2.88
C GLY B 356 6.60 9.76 -1.60
N GLU B 357 7.57 10.38 -0.93
CA GLU B 357 8.14 9.75 0.26
C GLU B 357 7.15 9.72 1.41
N ASN B 358 6.20 10.65 1.46
CA ASN B 358 5.18 10.67 2.49
C ASN B 358 3.85 11.11 1.87
N ALA B 359 2.77 10.94 2.64
CA ALA B 359 1.45 11.26 2.13
C ALA B 359 1.33 12.73 1.77
N LYS B 360 1.98 13.60 2.55
CA LYS B 360 1.94 15.03 2.25
C LYS B 360 2.50 15.34 0.86
N ASP B 361 3.66 14.76 0.53
CA ASP B 361 4.23 14.97 -0.80
C ASP B 361 3.34 14.41 -1.89
N GLN B 362 2.69 13.27 -1.62
CA GLN B 362 1.79 12.68 -2.61
C GLN B 362 0.59 13.58 -2.87
N CYS B 363 0.02 14.16 -1.82
CA CYS B 363 -1.09 15.08 -2.00
C CYS B 363 -0.66 16.32 -2.77
N GLU B 364 0.54 16.83 -2.49
CA GLU B 364 1.04 18.00 -3.21
C GLU B 364 1.19 17.72 -4.69
N LEU B 365 1.70 16.54 -5.04
CA LEU B 365 1.87 16.22 -6.46
C LEU B 365 0.53 16.03 -7.15
N TYR B 366 -0.40 15.34 -6.49
CA TYR B 366 -1.76 15.21 -7.02
C TYR B 366 -2.37 16.59 -7.31
N LYS B 367 -2.26 17.51 -6.36
CA LYS B 367 -2.82 18.85 -6.57
C LYS B 367 -2.17 19.56 -7.75
N ILE B 368 -0.85 19.42 -7.90
CA ILE B 368 -0.15 20.06 -9.02
C ILE B 368 -0.61 19.49 -10.35
N LYS B 369 -0.80 18.16 -10.41
CA LYS B 369 -1.28 17.53 -11.63
C LYS B 369 -2.71 17.96 -11.95
N ALA B 370 -3.56 18.07 -10.94
CA ALA B 370 -4.92 18.56 -11.17
C ALA B 370 -4.91 20.00 -11.67
N GLN B 371 -4.06 20.84 -11.10
CA GLN B 371 -3.98 22.23 -11.51
C GLN B 371 -3.46 22.38 -12.94
N GLU B 372 -2.52 21.52 -13.33
CA GLU B 372 -2.02 21.57 -14.70
C GLU B 372 -3.09 21.08 -15.68
N ALA B 373 -3.87 20.07 -15.30
CA ALA B 373 -4.95 19.62 -16.16
C ALA B 373 -6.05 20.68 -16.28
N MET B 374 -6.36 21.35 -15.18
CA MET B 374 -7.37 22.41 -15.21
C MET B 374 -6.90 23.56 -16.10
N THR B 375 -5.64 23.98 -15.95
CA THR B 375 -5.09 25.05 -16.77
C THR B 375 -5.16 24.71 -18.25
N LYS B 376 -4.73 23.49 -18.60
CA LYS B 376 -4.73 23.06 -19.99
C LYS B 376 -6.14 23.09 -20.58
N GLN B 377 -7.13 22.63 -19.81
CA GLN B 377 -8.50 22.61 -20.29
C GLN B 377 -9.06 24.02 -20.44
N LEU B 378 -8.77 24.90 -19.48
CA LEU B 378 -9.25 26.28 -19.58
C LEU B 378 -8.62 27.02 -20.75
N GLU B 379 -7.33 26.78 -21.03
CA GLU B 379 -6.69 27.43 -22.16
C GLU B 379 -7.23 26.89 -23.48
N MET B 380 -7.53 25.59 -23.53
CA MET B 380 -8.16 25.02 -24.72
C MET B 380 -9.52 25.67 -24.98
N ARG B 381 -10.26 26.03 -23.92
CA ARG B 381 -11.59 26.60 -24.07
C ARG B 381 -11.58 28.11 -24.29
N LEU B 382 -10.50 28.80 -23.91
CA LEU B 382 -10.53 30.26 -23.85
C LEU B 382 -9.34 30.96 -24.48
N LEU B 383 -8.18 30.32 -24.64
CA LEU B 383 -6.97 31.07 -24.96
C LEU B 383 -7.01 31.60 -26.37
N ILE B 384 -7.24 30.74 -27.35
CA ILE B 384 -7.39 31.17 -28.74
C ILE B 384 -8.88 31.33 -29.03
N GLU B 385 -9.11 32.39 -29.79
CA GLU B 385 -10.38 32.85 -30.31
C GLU B 385 -10.75 34.23 -29.79
#